data_5MPM
#
_entry.id   5MPM
#
_cell.length_a   53.349
_cell.length_b   253.287
_cell.length_c   64.981
_cell.angle_alpha   90.00
_cell.angle_beta   100.86
_cell.angle_gamma   90.00
#
_symmetry.space_group_name_H-M   'P 1 21 1'
#
loop_
_entity.id
_entity.type
_entity.pdbx_description
1 polymer 'Sarcoplasmic/endoplasmic reticulum calcium ATPase 2'
2 non-polymer TRIFLUOROMAGNESATE
3 non-polymer "(6AR,11AS,11BR)-10-ACETYL-9-HYDROXY-7,7-DIMETHYL-2,6,6A,7,11A,11B-HEXAHYDRO-11H-PYRROLO[1',2':2,3]ISOINDOLO[4,5,6-CD]INDOL-11-ONE"
4 non-polymer 'MAGNESIUM ION'
5 non-polymer 'POTASSIUM ION'
6 water water
#
_entity_poly.entity_id   1
_entity_poly.type   'polypeptide(L)'
_entity_poly.pdbx_seq_one_letter_code
;MENAHTKTVEEVLGHFGVNESTGLSLEQVKKLKERWGSNELPAEEGKTLLELVIEQFEDLLVRILLLAACISFVLAWFEE
GEETITAFVEPFVILLILVANAIVGVWQERNAENAIEALKEYEPEMGKVYRQDRKSVQRIKAKDIVPGDIVEIAVGDKVP
ADIRLTSIKSTTLRVDQSILTGESVSVIKHTDPVPDPRAVNQDKKNMLFSGTNIAAGKAMGVVVATGVNTEIGKIRDEMV
ATEQERTPLQQKLDEFGEQLSKVISLICIAVWIINIGHFNDPVHGGSWIRGAIYYFKIAVALAVAAIPEGLPAVITTCLA
LGTRRMAKKNAIVRSLPSVETLGCTSVICSDKTGTLTTNQMSVCRMFILDKVEGDTCSLNEFTITGSTYAPIGEVHKDDK
PVKCHQYDGLVELATICALCNDSALDYNEAKGVYEKVGEATETALTCLVEKMNVFDTELKGLSKIERANACNSVIKQLMK
KEFTLEFSRDRKSMSVYCTPNKPSRTSMSKMFVKGAPEGVIDRCTHIRVGSTKVPMTPGVKQKIMSVIREWGSGSDTLRC
LALATHDNPMRREEMNLEDSANFIKYETNLTFVGCVGMLDPPRIEVASSVKLCRQAGIRVIMITGDNKGTAVAICRRIGI
FGQDEDVTSKAFTGREFDELNPSAQREACLNARCFARVEPSHKSKIVEFLQSFDEITAMTGDGVNDAPALKKSEIGIAMG
SGTAVAKTASEMVLADDNFSTIVAAVEEGRAIYNNMKQFIRYLISSNVGEVVCIFLTAALGFPEALIPVQLLWVNLVTDG
LPATALGFNPPDLDIMNKPPRNPKEPLISGWLFFRYLAIGCYVGAATVGAAAWWFIAADGGPRVTFYQLSHFLQCKEDNP
DFEGVDCAVFESPYPMTMALSVLVTIEMCNALNSLSENQSLLRMPPWENIWLVGSICLSMSLHFLILYVEPLPLIFQITP
LNLTQWLMVLKISLPVILMDETLKFVARNYLEPAILE
;
_entity_poly.pdbx_strand_id   A
#
loop_
_chem_comp.id
_chem_comp.type
_chem_comp.name
_chem_comp.formula
CZA non-polymer (6AR,11AS,11BR)-10-ACETYL-9-HYDROXY-7,7-DIMETHYL-2,6,6A,7,11A,11B-HEXAHYDRO-11H-PYRROLO[1',2':2,3]ISOINDOLO[4,5,6-CD]INDOL-11-ONE 'C20 H20 N2 O3'
K non-polymer 'POTASSIUM ION' 'K 1'
MG non-polymer 'MAGNESIUM ION' 'Mg 2'
MGF non-polymer TRIFLUOROMAGNESATE 'F3 Mg -1'
#
# COMPACT_ATOMS: atom_id res chain seq x y z
N MET A 1 -24.91 23.02 -11.30
CA MET A 1 -25.95 22.11 -11.73
C MET A 1 -25.45 20.67 -11.79
N GLU A 2 -26.20 19.76 -11.18
CA GLU A 2 -25.82 18.35 -11.12
C GLU A 2 -26.94 17.50 -11.73
N ASN A 3 -26.57 16.28 -12.13
CA ASN A 3 -27.49 15.34 -12.77
C ASN A 3 -28.06 15.89 -14.08
N ALA A 4 -27.27 16.70 -14.79
CA ALA A 4 -27.69 17.23 -16.08
C ALA A 4 -27.63 16.20 -17.20
N HIS A 5 -27.09 15.00 -16.93
CA HIS A 5 -27.06 13.95 -17.94
C HIS A 5 -28.45 13.39 -18.23
N THR A 6 -29.43 13.64 -17.36
CA THR A 6 -30.80 13.22 -17.57
C THR A 6 -31.63 14.25 -18.31
N LYS A 7 -31.03 15.38 -18.71
CA LYS A 7 -31.75 16.48 -19.31
C LYS A 7 -31.17 16.79 -20.68
N THR A 8 -32.04 17.23 -21.59
CA THR A 8 -31.63 17.50 -22.96
C THR A 8 -30.70 18.71 -23.02
N VAL A 9 -29.94 18.81 -24.11
CA VAL A 9 -28.99 19.89 -24.28
C VAL A 9 -29.70 21.24 -24.28
N GLU A 10 -30.98 21.28 -24.66
CA GLU A 10 -31.72 22.54 -24.63
C GLU A 10 -32.12 22.91 -23.21
N GLU A 11 -32.47 21.92 -22.38
CA GLU A 11 -32.84 22.21 -21.00
C GLU A 11 -31.66 22.74 -20.21
N VAL A 12 -30.48 22.14 -20.38
CA VAL A 12 -29.30 22.61 -19.66
C VAL A 12 -28.93 24.01 -20.09
N LEU A 13 -29.01 24.30 -21.40
CA LEU A 13 -28.72 25.64 -21.88
C LEU A 13 -29.72 26.65 -21.34
N GLY A 14 -30.98 26.24 -21.17
CA GLY A 14 -31.98 27.12 -20.60
C GLY A 14 -31.88 27.32 -19.10
N HIS A 15 -31.07 26.51 -18.42
CA HIS A 15 -30.92 26.67 -16.98
C HIS A 15 -30.05 27.88 -16.64
N PHE A 16 -28.97 28.09 -17.40
CA PHE A 16 -28.07 29.22 -17.19
C PHE A 16 -28.43 30.42 -18.04
N GLY A 17 -29.44 30.31 -18.91
CA GLY A 17 -29.80 31.41 -19.77
C GLY A 17 -28.74 31.77 -20.79
N VAL A 18 -28.00 30.80 -21.28
CA VAL A 18 -26.88 31.04 -22.18
C VAL A 18 -27.24 30.54 -23.57
N ASN A 19 -26.72 31.25 -24.58
CA ASN A 19 -26.83 30.83 -25.96
C ASN A 19 -25.57 30.07 -26.32
N GLU A 20 -25.74 28.84 -26.79
CA GLU A 20 -24.59 28.00 -27.11
C GLU A 20 -23.72 28.60 -28.21
N SER A 21 -24.29 29.46 -29.07
CA SER A 21 -23.49 30.09 -30.12
C SER A 21 -22.56 31.15 -29.54
N THR A 22 -23.11 32.11 -28.80
CA THR A 22 -22.31 33.22 -28.27
C THR A 22 -21.80 32.97 -26.85
N GLY A 23 -22.27 31.92 -26.18
CA GLY A 23 -21.79 31.62 -24.84
C GLY A 23 -22.20 32.67 -23.80
N LEU A 24 -21.55 32.57 -22.65
CA LEU A 24 -21.78 33.50 -21.56
C LEU A 24 -21.26 34.88 -21.92
N SER A 25 -21.78 35.90 -21.23
CA SER A 25 -21.31 37.26 -21.38
C SER A 25 -20.34 37.60 -20.25
N LEU A 26 -19.83 38.83 -20.27
CA LEU A 26 -18.88 39.25 -19.24
C LEU A 26 -19.59 39.57 -17.93
N GLU A 27 -20.78 40.17 -17.99
CA GLU A 27 -21.51 40.51 -16.79
C GLU A 27 -22.07 39.26 -16.10
N GLN A 28 -22.40 38.22 -16.87
CA GLN A 28 -22.91 36.99 -16.27
C GLN A 28 -21.79 36.16 -15.66
N VAL A 29 -20.57 36.26 -16.20
CA VAL A 29 -19.44 35.54 -15.61
C VAL A 29 -19.13 36.05 -14.21
N LYS A 30 -19.11 37.37 -14.04
CA LYS A 30 -18.83 37.94 -12.72
C LYS A 30 -19.87 37.53 -11.70
N LYS A 31 -21.13 37.43 -12.11
CA LYS A 31 -22.18 36.99 -11.19
C LYS A 31 -22.03 35.52 -10.85
N LEU A 32 -21.60 34.71 -11.81
CA LEU A 32 -21.33 33.30 -11.55
C LEU A 32 -19.97 33.09 -10.89
N LYS A 33 -19.01 33.98 -11.14
CA LYS A 33 -17.71 33.87 -10.51
C LYS A 33 -17.81 34.03 -8.99
N GLU A 34 -18.77 34.81 -8.52
CA GLU A 34 -18.91 35.05 -7.09
C GLU A 34 -19.46 33.82 -6.36
N ARG A 35 -20.50 33.19 -6.93
CA ARG A 35 -21.16 32.10 -6.23
C ARG A 35 -20.38 30.79 -6.33
N TRP A 36 -19.81 30.49 -7.50
CA TRP A 36 -19.08 29.25 -7.71
C TRP A 36 -17.57 29.40 -7.52
N GLY A 37 -17.08 30.61 -7.28
CA GLY A 37 -15.65 30.81 -7.11
C GLY A 37 -14.84 30.43 -8.34
N SER A 38 -13.53 30.34 -8.12
CA SER A 38 -12.62 29.89 -9.16
C SER A 38 -12.67 28.37 -9.28
N ASN A 39 -12.35 27.87 -10.48
CA ASN A 39 -12.36 26.43 -10.71
C ASN A 39 -10.93 25.93 -10.49
N GLU A 40 -10.71 25.29 -9.34
CA GLU A 40 -9.44 24.64 -9.04
C GLU A 40 -9.65 23.69 -7.86
N LEU A 41 -8.72 22.75 -7.72
CA LEU A 41 -8.71 21.87 -6.57
C LEU A 41 -7.92 22.52 -5.44
N PRO A 42 -8.53 22.83 -4.30
CA PRO A 42 -7.77 23.41 -3.18
C PRO A 42 -6.71 22.44 -2.70
N ALA A 43 -5.61 23.00 -2.19
CA ALA A 43 -4.47 22.21 -1.76
C ALA A 43 -4.56 21.97 -0.25
N GLU A 44 -4.15 20.77 0.17
CA GLU A 44 -4.11 20.39 1.58
C GLU A 44 -2.67 20.47 2.05
N GLU A 45 -2.38 21.44 2.91
CA GLU A 45 -1.05 21.59 3.46
C GLU A 45 -0.79 20.53 4.52
N GLY A 46 0.47 20.09 4.61
CA GLY A 46 0.85 19.09 5.59
C GLY A 46 1.33 19.69 6.89
N LYS A 47 1.24 18.89 7.95
CA LYS A 47 1.71 19.33 9.25
C LYS A 47 3.22 19.49 9.23
N THR A 48 3.71 20.61 9.75
CA THR A 48 5.13 20.90 9.73
C THR A 48 5.86 20.02 10.76
N LEU A 49 7.19 20.17 10.79
CA LEU A 49 8.00 19.38 11.70
C LEU A 49 7.88 19.86 13.14
N LEU A 50 7.61 21.14 13.35
CA LEU A 50 7.43 21.64 14.71
C LEU A 50 6.14 21.11 15.33
N GLU A 51 5.10 20.92 14.53
CA GLU A 51 3.84 20.43 15.05
C GLU A 51 3.85 18.92 15.29
N LEU A 52 4.58 18.17 14.47
CA LEU A 52 4.63 16.72 14.65
C LEU A 52 5.45 16.32 15.86
N VAL A 53 6.49 17.10 16.19
CA VAL A 53 7.30 16.79 17.36
C VAL A 53 6.54 17.11 18.64
N ILE A 54 5.61 18.07 18.60
CA ILE A 54 4.81 18.38 19.77
C ILE A 54 3.86 17.23 20.09
N GLU A 55 3.25 16.63 19.06
CA GLU A 55 2.33 15.53 19.28
C GLU A 55 3.02 14.31 19.87
N GLN A 56 4.34 14.21 19.76
CA GLN A 56 5.07 13.15 20.44
C GLN A 56 5.07 13.37 21.95
N PHE A 57 5.14 14.63 22.37
CA PHE A 57 5.17 14.95 23.80
C PHE A 57 3.78 14.96 24.43
N GLU A 58 2.72 15.00 23.62
CA GLU A 58 1.37 15.04 24.17
C GLU A 58 0.94 13.72 24.79
N ASP A 59 1.68 12.63 24.56
CA ASP A 59 1.33 11.35 25.14
C ASP A 59 1.42 11.42 26.66
N LEU A 60 0.53 10.67 27.33
CA LEU A 60 0.48 10.72 28.78
C LEU A 60 1.74 10.13 29.41
N LEU A 61 2.25 9.04 28.84
CA LEU A 61 3.43 8.40 29.41
C LEU A 61 4.70 9.19 29.14
N VAL A 62 4.73 9.98 28.06
CA VAL A 62 5.87 10.84 27.80
C VAL A 62 5.92 11.98 28.80
N ARG A 63 4.76 12.52 29.18
CA ARG A 63 4.71 13.57 30.19
C ARG A 63 5.16 13.08 31.56
N ILE A 64 5.10 11.77 31.81
CA ILE A 64 5.61 11.24 33.07
C ILE A 64 7.13 11.30 33.11
N LEU A 65 7.77 10.84 32.03
CA LEU A 65 9.23 10.92 31.97
C LEU A 65 9.70 12.36 31.88
N LEU A 66 8.95 13.21 31.17
CA LEU A 66 9.28 14.63 31.14
C LEU A 66 9.18 15.26 32.52
N LEU A 67 8.21 14.80 33.32
CA LEU A 67 8.11 15.29 34.69
C LEU A 67 9.32 14.86 35.52
N ALA A 68 9.78 13.62 35.33
CA ALA A 68 10.96 13.16 36.06
C ALA A 68 12.22 13.87 35.58
N ALA A 69 12.22 14.35 34.33
CA ALA A 69 13.37 15.12 33.84
C ALA A 69 13.53 16.42 34.60
N CYS A 70 12.42 17.11 34.88
CA CYS A 70 12.49 18.36 35.61
C CYS A 70 12.74 18.13 37.10
N ILE A 71 12.24 17.03 37.65
CA ILE A 71 12.48 16.72 39.06
C ILE A 71 13.94 16.37 39.28
N SER A 72 14.51 15.53 38.40
CA SER A 72 15.93 15.22 38.50
C SER A 72 16.80 16.44 38.23
N PHE A 73 16.30 17.40 37.45
CA PHE A 73 17.05 18.63 37.25
C PHE A 73 17.01 19.53 38.47
N VAL A 74 15.92 19.46 39.24
CA VAL A 74 15.86 20.17 40.51
C VAL A 74 16.64 19.41 41.59
N LEU A 75 16.57 18.07 41.55
CA LEU A 75 17.37 17.27 42.48
C LEU A 75 18.86 17.45 42.23
N ALA A 76 19.26 17.57 40.96
CA ALA A 76 20.66 17.86 40.64
C ALA A 76 21.00 19.32 40.93
N TRP A 77 19.99 20.18 41.07
CA TRP A 77 20.24 21.59 41.40
C TRP A 77 20.53 21.77 42.88
N PHE A 78 20.05 20.88 43.73
CA PHE A 78 20.29 20.94 45.17
C PHE A 78 21.48 20.12 45.62
N GLU A 79 22.18 19.46 44.70
CA GLU A 79 23.32 18.64 45.06
C GLU A 79 24.54 19.52 45.37
N GLU A 80 25.46 18.97 46.17
CA GLU A 80 26.64 19.71 46.59
C GLU A 80 27.50 20.07 45.38
N GLY A 81 28.21 21.19 45.50
CA GLY A 81 29.00 21.71 44.40
C GLY A 81 30.17 20.83 43.99
N GLU A 82 30.61 19.94 44.88
CA GLU A 82 31.74 19.08 44.55
C GLU A 82 31.34 17.95 43.60
N GLU A 83 30.12 17.45 43.72
CA GLU A 83 29.61 16.35 42.90
C GLU A 83 28.84 16.81 41.68
N THR A 84 28.82 18.12 41.40
CA THR A 84 27.96 18.68 40.36
C THR A 84 28.16 18.02 39.00
N ILE A 85 29.38 17.59 38.68
CA ILE A 85 29.62 16.97 37.38
C ILE A 85 28.83 15.67 37.24
N THR A 86 28.79 14.87 38.29
CA THR A 86 28.03 13.62 38.27
C THR A 86 26.55 13.82 38.59
N ALA A 87 26.17 15.00 39.07
CA ALA A 87 24.77 15.23 39.46
C ALA A 87 23.88 15.47 38.25
N PHE A 88 24.37 16.23 37.27
CA PHE A 88 23.56 16.59 36.10
C PHE A 88 23.53 15.52 35.03
N VAL A 89 24.21 14.39 35.24
CA VAL A 89 24.16 13.30 34.27
C VAL A 89 22.75 12.75 34.17
N GLU A 90 22.06 12.62 35.30
CA GLU A 90 20.70 12.06 35.30
C GLU A 90 19.71 12.88 34.48
N PRO A 91 19.51 14.17 34.75
CA PRO A 91 18.50 14.91 33.98
C PRO A 91 18.87 15.08 32.51
N PHE A 92 20.16 15.06 32.17
CA PHE A 92 20.55 15.22 30.78
C PHE A 92 20.34 13.93 29.99
N VAL A 93 20.73 12.79 30.55
CA VAL A 93 20.51 11.52 29.84
C VAL A 93 19.02 11.21 29.76
N ILE A 94 18.24 11.64 30.74
CA ILE A 94 16.79 11.55 30.62
C ILE A 94 16.28 12.45 29.51
N LEU A 95 16.73 13.71 29.50
CA LEU A 95 16.36 14.63 28.44
C LEU A 95 16.96 14.20 27.10
N LEU A 96 18.09 13.49 27.12
CA LEU A 96 18.66 12.96 25.90
C LEU A 96 17.74 11.92 25.27
N ILE A 97 17.29 10.95 26.07
CA ILE A 97 16.39 9.93 25.56
C ILE A 97 15.02 10.53 25.24
N LEU A 98 14.62 11.56 25.97
CA LEU A 98 13.33 12.19 25.73
C LEU A 98 13.27 12.85 24.35
N VAL A 99 14.34 13.56 23.98
CA VAL A 99 14.36 14.21 22.66
C VAL A 99 14.70 13.21 21.55
N ALA A 100 15.52 12.20 21.85
CA ALA A 100 15.89 11.22 20.83
C ALA A 100 14.68 10.45 20.34
N ASN A 101 13.84 9.96 21.27
CA ASN A 101 12.63 9.25 20.88
C ASN A 101 11.60 10.17 20.24
N ALA A 102 11.66 11.48 20.54
CA ALA A 102 10.71 12.41 19.95
C ALA A 102 10.92 12.54 18.44
N ILE A 103 12.17 12.69 18.02
CA ILE A 103 12.45 12.85 16.60
C ILE A 103 12.36 11.53 15.86
N VAL A 104 12.61 10.41 16.54
CA VAL A 104 12.49 9.10 15.88
C VAL A 104 11.04 8.79 15.57
N GLY A 105 10.13 9.14 16.48
CA GLY A 105 8.71 8.92 16.22
C GLY A 105 8.19 9.75 15.07
N VAL A 106 8.72 10.96 14.89
CA VAL A 106 8.29 11.80 13.77
C VAL A 106 8.86 11.27 12.46
N TRP A 107 10.17 10.98 12.44
CA TRP A 107 10.80 10.42 11.26
C TRP A 107 10.19 9.08 10.86
N GLN A 108 9.56 8.37 11.80
CA GLN A 108 8.94 7.09 11.51
C GLN A 108 7.59 7.25 10.81
N GLU A 109 6.75 8.14 11.32
CA GLU A 109 5.38 8.29 10.82
C GLU A 109 5.25 9.32 9.70
N ARG A 110 6.28 10.13 9.44
CA ARG A 110 6.15 11.23 8.50
C ARG A 110 5.98 10.71 7.08
N ASN A 111 5.03 11.33 6.36
CA ASN A 111 4.79 11.05 4.94
C ASN A 111 5.25 12.27 4.16
N ALA A 112 6.31 12.11 3.37
CA ALA A 112 6.98 13.22 2.73
C ALA A 112 6.35 13.62 1.40
N GLU A 113 5.28 12.96 0.96
CA GLU A 113 4.66 13.23 -0.32
C GLU A 113 3.18 13.55 -0.12
N ASN A 114 2.66 14.47 -0.93
CA ASN A 114 1.28 14.93 -0.85
C ASN A 114 0.53 14.47 -2.10
N ALA A 115 -0.63 13.85 -1.90
CA ALA A 115 -1.40 13.33 -3.02
C ALA A 115 -2.18 14.42 -3.74
N ILE A 116 -2.52 15.51 -3.06
CA ILE A 116 -3.27 16.58 -3.71
C ILE A 116 -2.44 17.24 -4.79
N GLU A 117 -1.12 17.37 -4.57
CA GLU A 117 -0.25 17.93 -5.59
C GLU A 117 -0.23 17.07 -6.85
N ALA A 118 -0.18 15.74 -6.68
CA ALA A 118 -0.21 14.86 -7.83
C ALA A 118 -1.58 14.85 -8.49
N LEU A 119 -2.64 15.13 -7.72
CA LEU A 119 -3.98 15.21 -8.30
C LEU A 119 -4.20 16.53 -9.03
N LYS A 120 -3.56 17.62 -8.57
CA LYS A 120 -3.66 18.90 -9.24
C LYS A 120 -2.89 18.94 -10.55
N GLU A 121 -2.10 17.90 -10.85
CA GLU A 121 -1.43 17.84 -12.15
C GLU A 121 -2.42 17.62 -13.28
N TYR A 122 -3.54 16.96 -13.00
CA TYR A 122 -4.56 16.71 -14.01
C TYR A 122 -5.39 17.93 -14.34
N GLU A 123 -5.24 19.02 -13.59
CA GLU A 123 -5.95 20.26 -13.92
C GLU A 123 -5.20 20.99 -15.03
N PRO A 124 -5.80 21.18 -16.19
CA PRO A 124 -5.10 21.89 -17.27
C PRO A 124 -4.95 23.37 -16.95
N GLU A 125 -3.83 23.93 -17.40
CA GLU A 125 -3.55 25.34 -17.14
C GLU A 125 -4.51 26.25 -17.90
N MET A 126 -4.83 25.89 -19.14
CA MET A 126 -5.63 26.73 -20.01
C MET A 126 -6.87 25.98 -20.50
N GLY A 127 -7.84 26.74 -21.00
CA GLY A 127 -9.03 26.16 -21.57
C GLY A 127 -9.58 27.04 -22.67
N LYS A 128 -10.43 26.45 -23.51
CA LYS A 128 -11.01 27.13 -24.66
C LYS A 128 -12.50 27.35 -24.39
N VAL A 129 -12.93 28.61 -24.41
CA VAL A 129 -14.31 28.97 -24.13
C VAL A 129 -14.83 29.88 -25.25
N TYR A 130 -16.15 29.90 -25.39
CA TYR A 130 -16.85 30.85 -26.24
C TYR A 130 -17.60 31.82 -25.35
N ARG A 131 -17.28 33.10 -25.47
CA ARG A 131 -17.94 34.14 -24.68
C ARG A 131 -18.40 35.27 -25.59
N GLN A 132 -19.29 36.10 -25.04
CA GLN A 132 -20.00 37.10 -25.83
C GLN A 132 -19.14 38.30 -26.22
N ASP A 133 -17.98 38.48 -25.59
CA ASP A 133 -17.14 39.63 -25.92
C ASP A 133 -16.29 39.41 -27.17
N ARG A 134 -16.16 38.17 -27.62
CA ARG A 134 -15.38 37.85 -28.82
C ARG A 134 -16.25 37.04 -29.78
N LYS A 135 -16.13 37.35 -31.07
CA LYS A 135 -16.91 36.63 -32.08
C LYS A 135 -16.41 35.21 -32.28
N SER A 136 -15.20 34.90 -31.82
CA SER A 136 -14.62 33.57 -32.03
C SER A 136 -14.19 32.94 -30.71
N VAL A 137 -13.53 31.78 -30.78
CA VAL A 137 -13.14 31.05 -29.59
C VAL A 137 -12.04 31.81 -28.85
N GLN A 138 -12.12 31.80 -27.52
CA GLN A 138 -11.14 32.45 -26.66
C GLN A 138 -10.40 31.42 -25.82
N ARG A 139 -9.19 31.78 -25.42
CA ARG A 139 -8.33 30.91 -24.61
C ARG A 139 -8.06 31.61 -23.29
N ILE A 140 -8.50 30.99 -22.20
CA ILE A 140 -8.33 31.54 -20.85
C ILE A 140 -7.86 30.44 -19.92
N LYS A 141 -7.43 30.84 -18.73
CA LYS A 141 -7.07 29.88 -17.70
C LYS A 141 -8.30 29.07 -17.30
N ALA A 142 -8.05 27.81 -16.89
CA ALA A 142 -9.13 26.99 -16.35
C ALA A 142 -9.64 27.52 -15.02
N LYS A 143 -8.90 28.43 -14.38
CA LYS A 143 -9.35 29.01 -13.12
C LYS A 143 -10.53 29.96 -13.33
N ASP A 144 -10.64 30.57 -14.50
CA ASP A 144 -11.66 31.55 -14.79
C ASP A 144 -12.93 30.96 -15.40
N ILE A 145 -13.00 29.64 -15.54
CA ILE A 145 -14.19 29.00 -16.10
C ILE A 145 -15.23 28.84 -15.00
N VAL A 146 -16.46 29.27 -15.27
CA VAL A 146 -17.55 29.20 -14.31
C VAL A 146 -18.62 28.28 -14.90
N PRO A 147 -19.44 27.67 -14.05
CA PRO A 147 -20.55 26.85 -14.56
C PRO A 147 -21.51 27.69 -15.41
N GLY A 148 -21.82 27.18 -16.59
CA GLY A 148 -22.59 27.90 -17.58
C GLY A 148 -21.78 28.39 -18.77
N ASP A 149 -20.45 28.27 -18.71
CA ASP A 149 -19.63 28.65 -19.85
C ASP A 149 -19.79 27.64 -20.98
N ILE A 150 -19.67 28.13 -22.21
CA ILE A 150 -19.68 27.29 -23.40
C ILE A 150 -18.24 27.07 -23.82
N VAL A 151 -17.78 25.83 -23.75
CA VAL A 151 -16.39 25.50 -24.03
C VAL A 151 -16.30 24.61 -25.26
N GLU A 152 -15.16 24.68 -25.93
CA GLU A 152 -14.84 23.83 -27.07
C GLU A 152 -13.67 22.95 -26.69
N ILE A 153 -13.79 21.65 -26.97
CA ILE A 153 -12.75 20.68 -26.64
C ILE A 153 -12.29 20.00 -27.92
N ALA A 154 -10.98 19.87 -28.09
CA ALA A 154 -10.37 19.26 -29.26
C ALA A 154 -9.49 18.09 -28.84
N VAL A 155 -8.84 17.47 -29.82
CA VAL A 155 -8.00 16.30 -29.56
C VAL A 155 -6.73 16.73 -28.83
N GLY A 156 -6.32 15.91 -27.87
CA GLY A 156 -5.10 16.16 -27.11
C GLY A 156 -5.27 17.02 -25.89
N ASP A 157 -6.33 17.82 -25.81
CA ASP A 157 -6.54 18.70 -24.69
C ASP A 157 -7.05 17.92 -23.47
N LYS A 158 -6.82 18.48 -22.29
CA LYS A 158 -7.38 17.96 -21.05
C LYS A 158 -8.63 18.74 -20.70
N VAL A 159 -9.67 18.02 -20.28
CA VAL A 159 -10.98 18.60 -20.01
C VAL A 159 -10.89 19.50 -18.78
N PRO A 160 -11.16 20.80 -18.92
CA PRO A 160 -10.97 21.72 -17.78
C PRO A 160 -12.00 21.57 -16.66
N ALA A 161 -13.19 21.05 -16.94
CA ALA A 161 -14.24 20.98 -15.93
C ALA A 161 -15.13 19.79 -16.24
N ASP A 162 -16.25 19.69 -15.53
CA ASP A 162 -17.29 18.73 -15.85
C ASP A 162 -18.28 19.40 -16.80
N ILE A 163 -18.50 18.78 -17.96
CA ILE A 163 -19.17 19.43 -19.08
C ILE A 163 -20.26 18.53 -19.61
N ARG A 164 -21.42 19.13 -19.90
CA ARG A 164 -22.50 18.46 -20.62
C ARG A 164 -22.30 18.69 -22.11
N LEU A 165 -22.20 17.61 -22.87
CA LEU A 165 -21.96 17.73 -24.30
C LEU A 165 -23.16 18.33 -25.00
N THR A 166 -22.90 19.23 -25.95
CA THR A 166 -23.93 19.89 -26.74
C THR A 166 -23.93 19.41 -28.18
N SER A 167 -22.86 19.68 -28.92
CA SER A 167 -22.73 19.27 -30.32
C SER A 167 -21.35 18.66 -30.53
N ILE A 168 -21.31 17.49 -31.16
CA ILE A 168 -20.06 16.82 -31.49
C ILE A 168 -19.71 17.21 -32.93
N LYS A 169 -18.61 17.96 -33.08
CA LYS A 169 -18.24 18.48 -34.40
C LYS A 169 -17.64 17.41 -35.29
N SER A 170 -16.96 16.42 -34.71
CA SER A 170 -16.37 15.34 -35.51
C SER A 170 -17.39 14.23 -35.70
N THR A 171 -16.99 13.19 -36.44
CA THR A 171 -17.88 12.05 -36.65
C THR A 171 -18.13 11.31 -35.35
N THR A 172 -17.07 10.91 -34.65
CA THR A 172 -17.17 10.32 -33.33
C THR A 172 -16.21 11.02 -32.39
N LEU A 173 -16.56 11.05 -31.11
CA LEU A 173 -15.74 11.66 -30.07
C LEU A 173 -15.29 10.59 -29.10
N ARG A 174 -13.98 10.52 -28.87
CA ARG A 174 -13.38 9.50 -28.02
C ARG A 174 -12.67 10.16 -26.85
N VAL A 175 -12.84 9.59 -25.67
CA VAL A 175 -12.32 10.16 -24.42
C VAL A 175 -11.57 9.07 -23.66
N ASP A 176 -10.53 9.47 -22.94
CA ASP A 176 -9.80 8.57 -22.04
C ASP A 176 -10.25 8.89 -20.61
N GLN A 177 -11.03 7.99 -20.04
CA GLN A 177 -11.60 8.15 -18.70
C GLN A 177 -10.81 7.45 -17.62
N SER A 178 -9.61 6.93 -17.94
CA SER A 178 -8.83 6.15 -17.00
C SER A 178 -8.61 6.86 -15.66
N ILE A 179 -8.76 8.18 -15.62
CA ILE A 179 -8.72 8.88 -14.34
C ILE A 179 -9.79 8.35 -13.40
N LEU A 180 -11.05 8.42 -13.81
CA LEU A 180 -12.16 7.92 -13.00
C LEU A 180 -12.37 6.42 -13.16
N THR A 181 -12.29 5.91 -14.39
CA THR A 181 -12.65 4.52 -14.67
C THR A 181 -11.49 3.54 -14.54
N GLY A 182 -10.24 4.02 -14.48
CA GLY A 182 -9.10 3.15 -14.43
C GLY A 182 -8.78 2.39 -15.70
N GLU A 183 -9.62 2.50 -16.73
CA GLU A 183 -9.44 1.78 -17.98
C GLU A 183 -8.94 2.72 -19.07
N SER A 184 -7.97 2.25 -19.85
CA SER A 184 -7.28 3.06 -20.85
C SER A 184 -7.98 3.07 -22.20
N VAL A 185 -9.05 2.29 -22.37
CA VAL A 185 -9.75 2.23 -23.65
C VAL A 185 -10.63 3.45 -23.82
N SER A 186 -10.74 3.94 -25.05
CA SER A 186 -11.52 5.14 -25.34
C SER A 186 -13.01 4.82 -25.32
N VAL A 187 -13.82 5.83 -25.02
CA VAL A 187 -15.25 5.71 -24.89
C VAL A 187 -15.92 6.56 -25.96
N ILE A 188 -16.96 6.02 -26.58
CA ILE A 188 -17.74 6.77 -27.56
C ILE A 188 -18.75 7.63 -26.82
N LYS A 189 -18.86 8.90 -27.21
CA LYS A 189 -19.72 9.86 -26.55
C LYS A 189 -20.82 10.30 -27.51
N HIS A 190 -21.94 10.73 -26.93
CA HIS A 190 -23.05 11.28 -27.70
C HIS A 190 -23.62 12.50 -26.97
N THR A 191 -24.58 13.15 -27.61
CA THR A 191 -25.30 14.28 -27.02
C THR A 191 -26.64 13.90 -26.45
N ASP A 192 -27.04 12.63 -26.55
CA ASP A 192 -28.38 12.23 -26.12
C ASP A 192 -28.44 12.17 -24.59
N PRO A 193 -29.58 12.52 -24.00
CA PRO A 193 -29.71 12.41 -22.54
C PRO A 193 -29.62 10.96 -22.10
N VAL A 194 -29.15 10.78 -20.87
CA VAL A 194 -29.00 9.47 -20.25
C VAL A 194 -29.98 9.39 -19.09
N PRO A 195 -30.96 8.48 -19.12
CA PRO A 195 -31.87 8.32 -17.97
C PRO A 195 -31.18 7.67 -16.79
N ASP A 196 -31.96 7.29 -15.77
CA ASP A 196 -31.42 6.60 -14.60
C ASP A 196 -30.36 7.45 -13.91
N PRO A 197 -30.75 8.52 -13.20
CA PRO A 197 -29.77 9.38 -12.52
C PRO A 197 -28.82 8.62 -11.60
N ARG A 198 -29.24 7.44 -11.13
CA ARG A 198 -28.38 6.60 -10.30
C ARG A 198 -27.26 5.95 -11.09
N ALA A 199 -27.22 6.11 -12.41
CA ALA A 199 -26.17 5.50 -13.22
C ALA A 199 -24.80 6.07 -12.85
N VAL A 200 -23.79 5.22 -12.94
CA VAL A 200 -22.42 5.58 -12.56
C VAL A 200 -21.79 6.43 -13.65
N ASN A 201 -20.54 6.87 -13.43
CA ASN A 201 -19.86 7.71 -14.41
C ASN A 201 -19.58 6.95 -15.70
N GLN A 202 -19.36 5.64 -15.61
CA GLN A 202 -19.10 4.84 -16.81
C GLN A 202 -20.32 4.79 -17.72
N ASP A 203 -21.53 5.01 -17.19
CA ASP A 203 -22.75 4.91 -17.97
C ASP A 203 -23.20 6.25 -18.58
N LYS A 204 -22.55 7.36 -18.24
CA LYS A 204 -22.92 8.66 -18.78
C LYS A 204 -22.05 8.93 -19.99
N LYS A 205 -22.66 8.87 -21.18
CA LYS A 205 -21.95 9.10 -22.43
C LYS A 205 -22.13 10.53 -22.95
N ASN A 206 -22.93 11.34 -22.29
CA ASN A 206 -23.13 12.73 -22.69
C ASN A 206 -22.28 13.71 -21.88
N MET A 207 -21.44 13.22 -20.98
CA MET A 207 -20.70 14.07 -20.06
C MET A 207 -19.21 13.94 -20.31
N LEU A 208 -18.49 15.03 -20.05
CA LEU A 208 -17.03 15.06 -20.01
C LEU A 208 -16.61 15.41 -18.59
N PHE A 209 -15.65 14.66 -18.06
CA PHE A 209 -15.19 14.85 -16.70
C PHE A 209 -13.84 15.54 -16.68
N SER A 210 -13.62 16.37 -15.67
CA SER A 210 -12.39 17.13 -15.57
C SER A 210 -11.21 16.22 -15.28
N GLY A 211 -10.07 16.53 -15.88
CA GLY A 211 -8.88 15.73 -15.77
C GLY A 211 -8.72 14.69 -16.86
N THR A 212 -9.79 14.30 -17.52
CA THR A 212 -9.70 13.39 -18.65
C THR A 212 -9.20 14.11 -19.88
N ASN A 213 -8.69 13.33 -20.84
CA ASN A 213 -8.15 13.84 -22.09
C ASN A 213 -8.94 13.28 -23.27
N ILE A 214 -8.87 13.99 -24.39
CA ILE A 214 -9.62 13.63 -25.59
C ILE A 214 -8.71 12.84 -26.52
N ALA A 215 -9.07 11.58 -26.78
CA ALA A 215 -8.28 10.76 -27.68
C ALA A 215 -8.42 11.21 -29.12
N ALA A 216 -9.64 11.46 -29.56
CA ALA A 216 -9.88 11.94 -30.92
C ALA A 216 -11.20 12.70 -30.96
N GLY A 217 -11.31 13.58 -31.96
CA GLY A 217 -12.55 14.28 -32.22
C GLY A 217 -12.52 15.73 -31.74
N LYS A 218 -13.66 16.39 -31.95
CA LYS A 218 -13.87 17.75 -31.51
C LYS A 218 -15.35 17.93 -31.20
N ALA A 219 -15.65 18.71 -30.16
CA ALA A 219 -17.03 18.94 -29.76
C ALA A 219 -17.10 20.21 -28.93
N MET A 220 -18.31 20.53 -28.46
CA MET A 220 -18.55 21.67 -27.59
C MET A 220 -19.50 21.25 -26.49
N GLY A 221 -19.62 22.10 -25.47
CA GLY A 221 -20.50 21.77 -24.36
C GLY A 221 -20.62 22.92 -23.39
N VAL A 222 -21.44 22.69 -22.36
CA VAL A 222 -21.71 23.67 -21.31
C VAL A 222 -21.25 23.08 -19.99
N VAL A 223 -20.69 23.94 -19.13
CA VAL A 223 -20.03 23.49 -17.90
C VAL A 223 -21.07 23.37 -16.79
N VAL A 224 -21.25 22.15 -16.28
CA VAL A 224 -22.21 21.92 -15.22
C VAL A 224 -21.62 22.24 -13.85
N ALA A 225 -20.36 21.85 -13.60
CA ALA A 225 -19.78 21.95 -12.28
C ALA A 225 -18.29 22.25 -12.38
N THR A 226 -17.80 23.06 -11.45
CA THR A 226 -16.39 23.41 -11.35
C THR A 226 -15.92 23.24 -9.92
N GLY A 227 -14.60 23.27 -9.75
CA GLY A 227 -14.03 23.22 -8.41
C GLY A 227 -14.26 21.88 -7.74
N VAL A 228 -14.67 21.93 -6.47
CA VAL A 228 -14.90 20.71 -5.69
C VAL A 228 -16.16 19.97 -6.10
N ASN A 229 -17.00 20.58 -6.94
CA ASN A 229 -18.25 19.94 -7.36
C ASN A 229 -18.02 18.86 -8.41
N THR A 230 -16.86 18.85 -9.06
CA THR A 230 -16.61 17.91 -10.13
C THR A 230 -16.38 16.51 -9.56
N GLU A 231 -16.16 15.55 -10.47
CA GLU A 231 -15.88 14.18 -10.04
C GLU A 231 -14.45 14.03 -9.53
N ILE A 232 -13.50 14.77 -10.10
CA ILE A 232 -12.16 14.79 -9.53
C ILE A 232 -12.16 15.52 -8.20
N GLY A 233 -13.07 16.47 -8.01
CA GLY A 233 -13.22 17.11 -6.72
C GLY A 233 -13.72 16.14 -5.66
N LYS A 234 -14.60 15.21 -6.05
CA LYS A 234 -15.03 14.18 -5.12
C LYS A 234 -13.88 13.26 -4.71
N ILE A 235 -12.82 13.19 -5.51
CA ILE A 235 -11.66 12.39 -5.13
C ILE A 235 -10.89 13.07 -4.00
N ARG A 236 -10.55 14.36 -4.19
CA ARG A 236 -9.76 15.07 -3.20
C ARG A 236 -10.51 15.26 -1.87
N ASP A 237 -11.85 15.26 -1.91
CA ASP A 237 -12.60 15.32 -0.67
C ASP A 237 -12.35 14.09 0.19
N GLU A 238 -12.13 12.94 -0.44
CA GLU A 238 -11.74 11.74 0.29
C GLU A 238 -10.23 11.66 0.53
N MET A 239 -9.44 12.47 -0.18
CA MET A 239 -8.01 12.51 0.07
C MET A 239 -7.68 13.33 1.30
N VAL A 240 -8.37 14.46 1.48
CA VAL A 240 -8.13 15.31 2.64
C VAL A 240 -8.56 14.64 3.93
N ALA A 241 -9.39 13.61 3.86
CA ALA A 241 -9.88 12.93 5.05
C ALA A 241 -8.81 11.97 5.56
N THR A 242 -8.35 12.19 6.79
CA THR A 242 -7.36 11.34 7.43
C THR A 242 -7.76 11.13 8.88
N GLU A 243 -7.91 9.87 9.27
CA GLU A 243 -8.32 9.51 10.62
C GLU A 243 -7.13 9.25 11.54
N GLN A 244 -5.91 9.46 11.07
CA GLN A 244 -4.69 9.13 11.83
C GLN A 244 -4.65 7.65 12.21
N GLU A 245 -4.79 6.79 11.20
CA GLU A 245 -4.80 5.35 11.43
C GLU A 245 -3.46 4.91 12.00
N ARG A 246 -3.51 3.95 12.93
CA ARG A 246 -2.34 3.43 13.60
C ARG A 246 -2.36 1.92 13.53
N THR A 247 -1.20 1.33 13.24
CA THR A 247 -1.11 -0.12 13.13
C THR A 247 -1.49 -0.78 14.44
N PRO A 248 -2.05 -2.00 14.40
CA PRO A 248 -2.48 -2.66 15.65
C PRO A 248 -1.44 -2.71 16.74
N LEU A 249 -0.16 -2.89 16.39
CA LEU A 249 0.88 -2.86 17.42
C LEU A 249 1.03 -1.47 18.04
N GLN A 250 1.00 -0.42 17.19
CA GLN A 250 0.99 0.94 17.72
C GLN A 250 -0.28 1.21 18.51
N GLN A 251 -1.39 0.60 18.13
CA GLN A 251 -2.65 0.84 18.81
C GLN A 251 -2.66 0.22 20.21
N LYS A 252 -2.05 -0.96 20.36
CA LYS A 252 -2.01 -1.60 21.67
C LYS A 252 -0.94 -1.02 22.58
N LEU A 253 0.19 -0.60 22.01
CA LEU A 253 1.21 0.09 22.81
C LEU A 253 0.73 1.47 23.23
N ASP A 254 -0.13 2.10 22.42
CA ASP A 254 -0.73 3.36 22.84
C ASP A 254 -1.67 3.15 24.02
N GLU A 255 -2.41 2.04 24.02
CA GLU A 255 -3.27 1.72 25.16
C GLU A 255 -2.45 1.27 26.37
N PHE A 256 -1.39 0.50 26.13
CA PHE A 256 -0.54 0.05 27.23
C PHE A 256 0.13 1.22 27.93
N GLY A 257 0.32 2.33 27.23
CA GLY A 257 0.92 3.50 27.87
C GLY A 257 0.02 4.07 28.96
N GLU A 258 -1.27 4.24 28.65
CA GLU A 258 -2.20 4.74 29.65
C GLU A 258 -2.47 3.71 30.74
N GLN A 259 -2.33 2.42 30.42
CA GLN A 259 -2.46 1.39 31.45
C GLN A 259 -1.25 1.37 32.38
N LEU A 260 -0.06 1.70 31.84
CA LEU A 260 1.13 1.77 32.67
C LEU A 260 1.20 3.07 33.46
N SER A 261 0.65 4.16 32.91
CA SER A 261 0.71 5.44 33.60
C SER A 261 -0.10 5.44 34.90
N LYS A 262 -1.21 4.69 34.94
CA LYS A 262 -1.98 4.61 36.17
C LYS A 262 -1.23 3.86 37.26
N VAL A 263 -0.43 2.86 36.89
CA VAL A 263 0.30 2.08 37.88
C VAL A 263 1.41 2.91 38.52
N ILE A 264 2.14 3.68 37.70
CA ILE A 264 3.23 4.50 38.23
C ILE A 264 2.69 5.49 39.26
N SER A 265 1.51 6.05 39.00
CA SER A 265 0.92 6.98 39.95
C SER A 265 0.48 6.28 41.23
N LEU A 266 -0.06 5.06 41.10
CA LEU A 266 -0.50 4.33 42.29
C LEU A 266 0.67 3.83 43.12
N ILE A 267 1.76 3.42 42.46
CA ILE A 267 2.94 2.96 43.20
C ILE A 267 3.59 4.11 43.96
N CYS A 268 3.54 5.32 43.40
CA CYS A 268 4.05 6.49 44.12
C CYS A 268 3.28 6.71 45.42
N ILE A 269 1.95 6.64 45.36
CA ILE A 269 1.14 6.76 46.57
C ILE A 269 1.28 5.51 47.43
N ALA A 270 1.61 4.37 46.81
CA ALA A 270 1.84 3.16 47.58
C ALA A 270 3.09 3.28 48.44
N VAL A 271 4.13 3.94 47.92
CA VAL A 271 5.31 4.20 48.72
C VAL A 271 5.07 5.38 49.68
N TRP A 272 4.22 6.33 49.28
CA TRP A 272 3.97 7.50 50.12
C TRP A 272 3.31 7.12 51.44
N ILE A 273 2.43 6.11 51.41
CA ILE A 273 1.78 5.69 52.66
C ILE A 273 2.75 4.91 53.54
N ILE A 274 3.70 4.20 52.94
CA ILE A 274 4.73 3.52 53.73
C ILE A 274 5.86 4.45 54.14
N ASN A 275 5.91 5.65 53.56
CA ASN A 275 6.91 6.63 53.96
C ASN A 275 6.69 7.04 55.40
N ILE A 276 7.76 6.99 56.21
CA ILE A 276 7.66 7.41 57.60
C ILE A 276 7.31 8.89 57.65
N GLY A 277 6.52 9.27 58.65
CA GLY A 277 6.04 10.63 58.75
C GLY A 277 7.17 11.60 58.99
N HIS A 278 7.34 12.58 58.10
CA HIS A 278 8.31 13.64 58.30
C HIS A 278 7.73 14.87 58.97
N PHE A 279 6.41 14.92 59.15
CA PHE A 279 5.76 16.04 59.80
C PHE A 279 5.60 15.83 61.31
N ASN A 280 5.91 14.64 61.82
CA ASN A 280 5.71 14.37 63.24
C ASN A 280 7.04 14.13 63.97
N ASP A 281 7.63 12.95 63.81
CA ASP A 281 8.85 12.58 64.55
C ASP A 281 9.80 11.78 63.67
N PRO A 282 10.35 12.38 62.60
CA PRO A 282 11.47 11.72 61.93
C PRO A 282 12.80 12.15 62.53
N VAL A 283 12.86 12.19 63.86
CA VAL A 283 14.02 12.63 64.63
C VAL A 283 14.54 13.96 64.09
N HIS A 284 13.65 14.76 63.51
CA HIS A 284 14.00 16.01 62.83
C HIS A 284 15.24 15.83 61.94
N GLY A 285 15.21 14.79 61.10
CA GLY A 285 16.37 14.49 60.28
C GLY A 285 16.78 15.61 59.35
N GLY A 286 15.81 16.44 58.94
CA GLY A 286 16.10 17.57 58.08
C GLY A 286 15.04 18.63 58.25
N SER A 287 15.17 19.70 57.45
CA SER A 287 14.22 20.79 57.48
C SER A 287 12.93 20.37 56.77
N TRP A 288 11.98 21.31 56.68
CA TRP A 288 10.72 21.02 56.02
C TRP A 288 10.87 20.81 54.52
N ILE A 289 11.94 21.32 53.92
CA ILE A 289 12.18 21.07 52.51
C ILE A 289 12.79 19.69 52.30
N ARG A 290 13.62 19.22 53.24
CA ARG A 290 14.25 17.91 53.13
C ARG A 290 13.28 16.75 53.23
N GLY A 291 12.04 17.00 53.67
CA GLY A 291 11.10 15.91 53.80
C GLY A 291 10.62 15.37 52.48
N ALA A 292 10.38 16.25 51.51
CA ALA A 292 9.86 15.88 50.21
C ALA A 292 10.95 15.46 49.23
N ILE A 293 12.22 15.52 49.61
CA ILE A 293 13.30 15.15 48.70
C ILE A 293 13.29 13.64 48.47
N TYR A 294 12.96 12.86 49.49
CA TYR A 294 12.91 11.41 49.31
C TYR A 294 11.73 11.01 48.43
N TYR A 295 10.58 11.68 48.58
CA TYR A 295 9.43 11.35 47.74
C TYR A 295 9.69 11.68 46.28
N PHE A 296 10.50 12.70 46.01
CA PHE A 296 10.85 13.03 44.63
C PHE A 296 11.87 12.06 44.07
N LYS A 297 12.83 11.62 44.89
CA LYS A 297 13.83 10.66 44.43
C LYS A 297 13.21 9.30 44.17
N ILE A 298 12.23 8.91 44.99
CA ILE A 298 11.60 7.59 44.80
C ILE A 298 10.66 7.61 43.59
N ALA A 299 10.03 8.75 43.32
CA ALA A 299 9.14 8.82 42.16
C ALA A 299 9.93 8.83 40.85
N VAL A 300 11.07 9.51 40.83
CA VAL A 300 11.93 9.50 39.64
C VAL A 300 12.42 8.08 39.36
N ALA A 301 12.89 7.39 40.40
CA ALA A 301 13.33 6.01 40.24
C ALA A 301 12.19 5.11 39.81
N LEU A 302 10.98 5.38 40.31
CA LEU A 302 9.82 4.58 39.90
C LEU A 302 9.48 4.81 38.43
N ALA A 303 9.64 6.04 37.95
CA ALA A 303 9.35 6.34 36.55
C ALA A 303 10.40 5.72 35.63
N VAL A 304 11.68 5.89 35.97
CA VAL A 304 12.75 5.34 35.15
C VAL A 304 12.72 3.81 35.16
N ALA A 305 12.27 3.21 36.26
CA ALA A 305 12.22 1.75 36.32
C ALA A 305 11.01 1.19 35.57
N ALA A 306 9.86 1.87 35.66
CA ALA A 306 8.65 1.34 35.04
C ALA A 306 8.62 1.61 33.54
N ILE A 307 9.01 2.81 33.11
CA ILE A 307 8.99 3.18 31.70
C ILE A 307 10.14 2.48 30.98
N PRO A 308 9.86 1.72 29.91
CA PRO A 308 10.93 1.06 29.13
C PRO A 308 11.59 1.98 28.12
N GLU A 309 12.56 2.77 28.60
CA GLU A 309 13.31 3.64 27.72
C GLU A 309 14.09 2.82 26.70
N GLY A 310 14.32 3.41 25.52
CA GLY A 310 14.96 2.71 24.44
C GLY A 310 14.06 1.82 23.63
N LEU A 311 12.85 1.54 24.12
CA LEU A 311 11.88 0.78 23.32
C LEU A 311 11.60 1.40 21.96
N PRO A 312 11.42 2.72 21.82
CA PRO A 312 11.27 3.29 20.47
C PRO A 312 12.47 3.07 19.57
N ALA A 313 13.66 2.85 20.13
CA ALA A 313 14.84 2.62 19.31
C ALA A 313 14.83 1.22 18.70
N VAL A 314 14.59 0.20 19.52
CA VAL A 314 14.63 -1.18 19.03
C VAL A 314 13.49 -1.44 18.05
N ILE A 315 12.33 -0.83 18.28
CA ILE A 315 11.22 -0.99 17.35
C ILE A 315 11.54 -0.35 16.00
N THR A 316 11.99 0.91 16.02
CA THR A 316 12.37 1.59 14.78
C THR A 316 13.54 0.88 14.10
N THR A 317 14.46 0.31 14.87
CA THR A 317 15.57 -0.44 14.27
C THR A 317 15.05 -1.68 13.55
N CYS A 318 14.03 -2.34 14.11
CA CYS A 318 13.47 -3.52 13.46
C CYS A 318 12.69 -3.16 12.20
N LEU A 319 12.03 -2.00 12.20
CA LEU A 319 11.27 -1.58 11.03
C LEU A 319 12.19 -1.18 9.88
N ALA A 320 13.28 -0.47 10.19
CA ALA A 320 14.21 -0.06 9.16
C ALA A 320 14.98 -1.26 8.60
N LEU A 321 15.36 -2.20 9.46
CA LEU A 321 16.02 -3.41 8.98
C LEU A 321 15.05 -4.33 8.25
N GLY A 322 13.75 -4.22 8.52
CA GLY A 322 12.77 -4.95 7.74
C GLY A 322 12.41 -4.25 6.44
N THR A 323 12.49 -2.92 6.42
CA THR A 323 12.27 -2.18 5.19
C THR A 323 13.39 -2.46 4.18
N ARG A 324 14.62 -2.58 4.66
CA ARG A 324 15.74 -2.91 3.78
C ARG A 324 15.59 -4.32 3.22
N ARG A 325 15.12 -5.27 4.03
CA ARG A 325 14.89 -6.62 3.54
C ARG A 325 13.81 -6.68 2.48
N MET A 326 12.83 -5.78 2.55
CA MET A 326 11.79 -5.73 1.52
C MET A 326 12.27 -5.01 0.27
N ALA A 327 13.17 -4.03 0.41
CA ALA A 327 13.69 -3.33 -0.75
C ALA A 327 14.48 -4.25 -1.66
N LYS A 328 15.14 -5.27 -1.08
CA LYS A 328 15.84 -6.26 -1.89
C LYS A 328 14.89 -7.09 -2.73
N LYS A 329 13.62 -7.18 -2.32
CA LYS A 329 12.57 -7.82 -3.10
C LYS A 329 11.89 -6.86 -4.06
N ASN A 330 12.40 -5.64 -4.19
CA ASN A 330 11.81 -4.59 -5.01
C ASN A 330 10.44 -4.14 -4.48
N ALA A 331 10.38 -3.95 -3.16
CA ALA A 331 9.20 -3.38 -2.51
C ALA A 331 9.66 -2.14 -1.75
N ILE A 332 9.18 -0.97 -2.16
CA ILE A 332 9.56 0.30 -1.56
C ILE A 332 8.52 0.63 -0.48
N VAL A 333 8.96 0.62 0.77
CA VAL A 333 8.06 0.87 1.91
C VAL A 333 8.13 2.35 2.23
N ARG A 334 7.02 3.06 2.02
CA ARG A 334 6.96 4.49 2.26
C ARG A 334 6.53 4.84 3.67
N SER A 335 6.07 3.88 4.46
CA SER A 335 5.75 4.09 5.87
C SER A 335 6.34 2.93 6.66
N LEU A 336 7.27 3.25 7.56
CA LEU A 336 7.98 2.21 8.31
C LEU A 336 7.07 1.30 9.11
N PRO A 337 6.07 1.79 9.85
CA PRO A 337 5.20 0.86 10.60
C PRO A 337 4.41 -0.08 9.71
N SER A 338 4.26 0.22 8.42
CA SER A 338 3.42 -0.55 7.53
C SER A 338 4.01 -1.90 7.14
N VAL A 339 5.28 -2.16 7.47
CA VAL A 339 5.83 -3.48 7.20
C VAL A 339 5.28 -4.51 8.17
N GLU A 340 4.88 -4.08 9.37
CA GLU A 340 4.29 -5.00 10.34
C GLU A 340 2.82 -5.27 10.05
N THR A 341 2.09 -4.25 9.58
CA THR A 341 0.66 -4.41 9.36
C THR A 341 0.36 -5.48 8.32
N LEU A 342 1.22 -5.62 7.31
CA LEU A 342 1.00 -6.58 6.24
C LEU A 342 1.04 -8.03 6.70
N GLY A 343 1.45 -8.29 7.94
CA GLY A 343 1.46 -9.64 8.45
C GLY A 343 0.09 -10.13 8.88
N CYS A 344 -0.73 -9.23 9.41
CA CYS A 344 -2.05 -9.58 9.92
C CYS A 344 -3.18 -9.32 8.94
N THR A 345 -2.87 -8.90 7.71
CA THR A 345 -3.92 -8.58 6.74
C THR A 345 -4.75 -9.82 6.42
N SER A 346 -6.06 -9.72 6.61
CA SER A 346 -6.97 -10.82 6.31
C SER A 346 -7.59 -10.75 4.93
N VAL A 347 -7.47 -9.62 4.22
CA VAL A 347 -8.07 -9.45 2.91
C VAL A 347 -7.17 -8.57 2.06
N ILE A 348 -7.14 -8.83 0.76
CA ILE A 348 -6.38 -8.05 -0.20
C ILE A 348 -7.34 -7.59 -1.29
N CYS A 349 -7.56 -6.28 -1.38
CA CYS A 349 -8.33 -5.71 -2.48
C CYS A 349 -7.38 -5.30 -3.59
N SER A 350 -7.78 -5.59 -4.83
CA SER A 350 -6.90 -5.37 -5.96
C SER A 350 -7.68 -4.84 -7.15
N ASP A 351 -7.15 -3.80 -7.79
CA ASP A 351 -7.67 -3.34 -9.06
C ASP A 351 -7.27 -4.32 -10.16
N LYS A 352 -8.19 -4.56 -11.10
CA LYS A 352 -7.88 -5.49 -12.20
C LYS A 352 -6.91 -4.87 -13.19
N THR A 353 -7.23 -3.70 -13.72
CA THR A 353 -6.46 -3.11 -14.80
C THR A 353 -5.19 -2.46 -14.25
N GLY A 354 -4.05 -2.82 -14.84
CA GLY A 354 -2.77 -2.29 -14.43
C GLY A 354 -2.14 -2.99 -13.25
N THR A 355 -2.91 -3.76 -12.48
CA THR A 355 -2.40 -4.49 -11.33
C THR A 355 -2.48 -5.99 -11.59
N LEU A 356 -3.68 -6.57 -11.59
CA LEU A 356 -3.83 -7.98 -11.92
C LEU A 356 -3.57 -8.26 -13.40
N THR A 357 -3.76 -7.26 -14.26
CA THR A 357 -3.52 -7.39 -15.69
C THR A 357 -2.44 -6.40 -16.12
N THR A 358 -1.82 -6.69 -17.26
CA THR A 358 -0.68 -5.92 -17.74
C THR A 358 -1.07 -4.54 -18.26
N ASN A 359 -2.37 -4.24 -18.37
CA ASN A 359 -2.88 -2.97 -18.88
C ASN A 359 -2.59 -2.79 -20.37
N GLN A 360 -1.85 -3.71 -20.97
CA GLN A 360 -1.51 -3.67 -22.39
C GLN A 360 -2.31 -4.74 -23.11
N MET A 361 -3.08 -4.32 -24.11
CA MET A 361 -3.94 -5.24 -24.85
C MET A 361 -3.12 -6.07 -25.83
N SER A 362 -3.45 -7.36 -25.91
CA SER A 362 -2.77 -8.27 -26.82
C SER A 362 -3.80 -9.19 -27.47
N VAL A 363 -3.51 -9.62 -28.69
CA VAL A 363 -4.40 -10.53 -29.41
C VAL A 363 -4.17 -11.94 -28.88
N CYS A 364 -5.21 -12.52 -28.28
CA CYS A 364 -5.09 -13.86 -27.72
C CYS A 364 -5.28 -14.95 -28.78
N ARG A 365 -6.28 -14.80 -29.65
CA ARG A 365 -6.64 -15.84 -30.60
C ARG A 365 -7.05 -15.21 -31.92
N MET A 366 -7.00 -16.02 -32.98
CA MET A 366 -7.44 -15.61 -34.30
C MET A 366 -7.78 -16.86 -35.10
N PHE A 367 -8.58 -16.69 -36.15
CA PHE A 367 -8.95 -17.81 -36.99
C PHE A 367 -9.23 -17.32 -38.41
N ILE A 368 -9.07 -18.24 -39.36
CA ILE A 368 -9.40 -18.04 -40.76
C ILE A 368 -10.17 -19.24 -41.26
N LEU A 369 -10.53 -19.22 -42.54
CA LEU A 369 -11.26 -20.31 -43.16
C LEU A 369 -10.29 -21.31 -43.78
N ASP A 370 -10.62 -22.59 -43.64
CA ASP A 370 -9.78 -23.67 -44.13
C ASP A 370 -10.38 -24.33 -45.37
N LYS A 371 -11.48 -25.07 -45.22
CA LYS A 371 -12.13 -25.75 -46.32
C LYS A 371 -13.62 -25.52 -46.26
N VAL A 372 -14.27 -25.55 -47.42
CA VAL A 372 -15.71 -25.35 -47.54
C VAL A 372 -16.30 -26.56 -48.26
N GLU A 373 -17.24 -27.22 -47.61
CA GLU A 373 -17.96 -28.36 -48.20
C GLU A 373 -19.45 -28.09 -48.07
N GLY A 374 -20.13 -27.89 -49.20
CA GLY A 374 -21.55 -27.60 -49.16
C GLY A 374 -21.83 -26.33 -48.39
N ASP A 375 -22.70 -26.44 -47.40
CA ASP A 375 -23.04 -25.33 -46.52
C ASP A 375 -22.21 -25.29 -45.24
N THR A 376 -21.28 -26.21 -45.08
CA THR A 376 -20.46 -26.31 -43.88
C THR A 376 -19.02 -25.97 -44.21
N CYS A 377 -18.38 -25.20 -43.34
CA CYS A 377 -16.99 -24.80 -43.51
C CYS A 377 -16.19 -25.16 -42.27
N SER A 378 -14.91 -25.45 -42.46
CA SER A 378 -13.99 -25.73 -41.38
C SER A 378 -13.04 -24.54 -41.21
N LEU A 379 -12.67 -24.28 -39.96
CA LEU A 379 -11.85 -23.13 -39.62
C LEU A 379 -10.51 -23.60 -39.05
N ASN A 380 -9.51 -22.74 -39.20
CA ASN A 380 -8.18 -22.96 -38.61
C ASN A 380 -8.01 -21.96 -37.47
N GLU A 381 -7.99 -22.48 -36.24
CA GLU A 381 -7.87 -21.64 -35.06
C GLU A 381 -6.40 -21.51 -34.67
N PHE A 382 -5.95 -20.27 -34.52
CA PHE A 382 -4.58 -19.96 -34.13
C PHE A 382 -4.57 -19.23 -32.79
N THR A 383 -3.46 -19.36 -32.07
CA THR A 383 -3.26 -18.70 -30.80
C THR A 383 -1.94 -17.94 -30.83
N ILE A 384 -1.92 -16.76 -30.22
CA ILE A 384 -0.74 -15.91 -30.19
C ILE A 384 -0.33 -15.69 -28.74
N THR A 385 0.97 -15.67 -28.49
CA THR A 385 1.50 -15.59 -27.14
C THR A 385 2.01 -14.18 -26.83
N GLY A 386 2.47 -14.01 -25.60
CA GLY A 386 3.01 -12.76 -25.09
C GLY A 386 1.97 -11.93 -24.36
N SER A 387 2.38 -11.29 -23.27
CA SER A 387 1.50 -10.46 -22.46
C SER A 387 1.67 -8.97 -22.69
N THR A 388 2.60 -8.54 -23.55
CA THR A 388 3.00 -7.14 -23.60
C THR A 388 3.00 -6.64 -25.04
N TYR A 389 3.10 -5.32 -25.17
CA TYR A 389 3.23 -4.66 -26.46
C TYR A 389 4.56 -4.97 -27.15
N ALA A 390 5.49 -5.61 -26.46
CA ALA A 390 6.76 -5.98 -27.07
C ALA A 390 6.51 -6.86 -28.27
N PRO A 391 6.96 -6.48 -29.47
CA PRO A 391 6.64 -7.27 -30.67
C PRO A 391 7.35 -8.62 -30.69
N ILE A 392 7.11 -9.45 -29.67
CA ILE A 392 7.72 -10.76 -29.57
C ILE A 392 6.62 -11.79 -29.31
N GLY A 393 6.75 -12.95 -29.92
CA GLY A 393 5.80 -14.02 -29.75
C GLY A 393 5.87 -14.99 -30.90
N GLU A 394 5.16 -16.11 -30.73
CA GLU A 394 5.12 -17.15 -31.75
C GLU A 394 3.70 -17.70 -31.86
N VAL A 395 3.25 -17.87 -33.10
CA VAL A 395 1.91 -18.36 -33.37
C VAL A 395 1.90 -19.88 -33.31
N HIS A 396 0.88 -20.44 -32.68
CA HIS A 396 0.71 -21.88 -32.55
C HIS A 396 -0.61 -22.31 -33.16
N LYS A 397 -0.58 -23.40 -33.91
CA LYS A 397 -1.77 -23.98 -34.54
C LYS A 397 -1.96 -25.39 -34.00
N ASP A 398 -3.03 -25.60 -33.24
CA ASP A 398 -3.33 -26.90 -32.65
C ASP A 398 -2.17 -27.43 -31.79
N ASP A 399 -1.71 -26.58 -30.87
CA ASP A 399 -0.65 -26.92 -29.93
C ASP A 399 0.67 -27.28 -30.62
N LYS A 400 0.92 -26.69 -31.79
CA LYS A 400 2.17 -26.91 -32.51
C LYS A 400 2.64 -25.57 -33.06
N PRO A 401 3.96 -25.30 -32.99
CA PRO A 401 4.46 -24.03 -33.53
C PRO A 401 4.39 -24.01 -35.04
N VAL A 402 3.96 -22.88 -35.59
CA VAL A 402 3.80 -22.71 -37.03
C VAL A 402 4.18 -21.29 -37.41
N LYS A 403 4.78 -21.14 -38.59
CA LYS A 403 5.07 -19.84 -39.16
C LYS A 403 3.99 -19.53 -40.19
N CYS A 404 3.47 -18.29 -40.14
CA CYS A 404 2.29 -17.92 -40.90
C CYS A 404 2.60 -17.38 -42.30
N HIS A 405 3.88 -17.38 -42.71
CA HIS A 405 4.21 -16.90 -44.05
C HIS A 405 3.59 -17.77 -45.13
N GLN A 406 3.22 -19.01 -44.81
CA GLN A 406 2.66 -19.95 -45.78
C GLN A 406 1.15 -19.99 -45.80
N TYR A 407 0.48 -19.21 -44.94
CA TYR A 407 -0.97 -19.14 -44.91
C TYR A 407 -1.40 -17.85 -45.59
N ASP A 408 -2.00 -17.98 -46.79
CA ASP A 408 -2.41 -16.79 -47.54
C ASP A 408 -3.61 -16.11 -46.91
N GLY A 409 -4.45 -16.87 -46.20
CA GLY A 409 -5.54 -16.24 -45.45
C GLY A 409 -5.04 -15.41 -44.29
N LEU A 410 -3.91 -15.80 -43.69
CA LEU A 410 -3.32 -15.01 -42.61
C LEU A 410 -2.56 -13.80 -43.13
N VAL A 411 -1.94 -13.91 -44.31
CA VAL A 411 -1.21 -12.78 -44.88
C VAL A 411 -2.16 -11.63 -45.16
N GLU A 412 -3.32 -11.92 -45.75
CA GLU A 412 -4.31 -10.87 -45.97
C GLU A 412 -4.92 -10.40 -44.66
N LEU A 413 -4.95 -11.26 -43.65
CA LEU A 413 -5.44 -10.85 -42.34
C LEU A 413 -4.51 -9.83 -41.70
N ALA A 414 -3.21 -10.11 -41.72
CA ALA A 414 -2.23 -9.12 -41.28
C ALA A 414 -2.20 -7.90 -42.19
N THR A 415 -2.62 -8.06 -43.44
CA THR A 415 -2.71 -6.91 -44.34
C THR A 415 -3.77 -5.93 -43.87
N ILE A 416 -4.91 -6.42 -43.41
CA ILE A 416 -5.98 -5.55 -42.94
C ILE A 416 -5.56 -4.86 -41.63
N CYS A 417 -4.88 -5.60 -40.75
CA CYS A 417 -4.57 -5.06 -39.43
C CYS A 417 -3.57 -3.92 -39.51
N ALA A 418 -2.59 -4.01 -40.40
CA ALA A 418 -1.61 -2.94 -40.55
C ALA A 418 -2.15 -1.78 -41.37
N LEU A 419 -2.95 -2.07 -42.40
CA LEU A 419 -3.37 -1.02 -43.33
C LEU A 419 -4.50 -0.17 -42.76
N CYS A 420 -5.45 -0.76 -42.06
CA CYS A 420 -6.48 0.02 -41.39
C CYS A 420 -6.07 0.10 -39.93
N ASN A 421 -5.43 1.22 -39.59
CA ASN A 421 -5.03 1.49 -38.22
C ASN A 421 -4.86 2.99 -38.07
N ASP A 422 -5.28 3.54 -36.94
CA ASP A 422 -4.92 4.90 -36.55
C ASP A 422 -3.78 4.94 -35.55
N SER A 423 -3.30 3.79 -35.08
CA SER A 423 -2.35 3.70 -34.00
C SER A 423 -0.96 3.34 -34.53
N ALA A 424 0.00 3.25 -33.61
CA ALA A 424 1.36 2.89 -33.93
C ALA A 424 2.05 2.37 -32.68
N LEU A 425 3.17 1.68 -32.86
CA LEU A 425 3.99 1.21 -31.77
C LEU A 425 5.20 2.12 -31.59
N ASP A 426 5.62 2.30 -30.34
CA ASP A 426 6.74 3.16 -30.01
C ASP A 426 7.55 2.54 -28.88
N TYR A 427 8.86 2.75 -28.94
CA TYR A 427 9.79 2.24 -27.93
C TYR A 427 10.32 3.41 -27.12
N ASN A 428 10.07 3.39 -25.82
CA ASN A 428 10.58 4.42 -24.93
C ASN A 428 12.03 4.11 -24.58
N GLU A 429 12.93 5.03 -24.91
CA GLU A 429 14.34 4.82 -24.59
C GLU A 429 14.60 4.97 -23.09
N ALA A 430 13.88 5.89 -22.43
CA ALA A 430 14.08 6.08 -20.99
C ALA A 430 13.49 4.92 -20.20
N LYS A 431 12.22 4.59 -20.46
CA LYS A 431 11.57 3.51 -19.71
C LYS A 431 12.07 2.13 -20.13
N GLY A 432 12.61 2.00 -21.34
CA GLY A 432 13.12 0.73 -21.82
C GLY A 432 12.08 -0.28 -22.24
N VAL A 433 10.80 0.07 -22.18
CA VAL A 433 9.72 -0.81 -22.59
C VAL A 433 8.96 -0.17 -23.74
N TYR A 434 8.27 -1.01 -24.50
CA TYR A 434 7.48 -0.52 -25.63
C TYR A 434 6.18 0.09 -25.12
N GLU A 435 5.92 1.32 -25.54
CA GLU A 435 4.68 2.02 -25.23
C GLU A 435 3.71 1.89 -26.39
N LYS A 436 2.57 2.56 -26.27
CA LYS A 436 1.53 2.57 -27.30
C LYS A 436 1.30 3.98 -27.78
N VAL A 437 0.85 4.10 -29.03
CA VAL A 437 0.49 5.37 -29.64
C VAL A 437 -0.95 5.27 -30.09
N GLY A 438 -1.82 6.13 -29.55
CA GLY A 438 -3.22 6.12 -29.93
C GLY A 438 -4.06 5.08 -29.21
N GLU A 439 -5.02 4.51 -29.92
CA GLU A 439 -5.95 3.54 -29.32
C GLU A 439 -5.22 2.26 -28.94
N ALA A 440 -5.53 1.74 -27.76
CA ALA A 440 -4.93 0.49 -27.30
C ALA A 440 -5.49 -0.71 -28.04
N THR A 441 -6.72 -0.62 -28.54
CA THR A 441 -7.29 -1.72 -29.32
C THR A 441 -6.59 -1.86 -30.66
N GLU A 442 -6.41 -0.73 -31.37
CA GLU A 442 -5.74 -0.78 -32.66
C GLU A 442 -4.25 -1.07 -32.52
N THR A 443 -3.66 -0.70 -31.37
CA THR A 443 -2.26 -1.02 -31.14
C THR A 443 -2.04 -2.51 -30.97
N ALA A 444 -3.02 -3.22 -30.41
CA ALA A 444 -2.90 -4.67 -30.27
C ALA A 444 -2.79 -5.35 -31.63
N LEU A 445 -3.41 -4.79 -32.66
CA LEU A 445 -3.24 -5.33 -34.01
C LEU A 445 -1.86 -5.05 -34.55
N THR A 446 -1.28 -3.90 -34.22
CA THR A 446 0.06 -3.56 -34.69
C THR A 446 1.09 -4.57 -34.19
N CYS A 447 1.03 -4.93 -32.91
CA CYS A 447 1.93 -5.95 -32.38
C CYS A 447 1.72 -7.29 -33.10
N LEU A 448 0.48 -7.60 -33.45
CA LEU A 448 0.19 -8.88 -34.11
C LEU A 448 0.92 -8.98 -35.44
N VAL A 449 0.97 -7.88 -36.20
CA VAL A 449 1.64 -7.89 -37.50
C VAL A 449 3.13 -8.14 -37.31
N GLU A 450 3.74 -7.50 -36.31
CA GLU A 450 5.16 -7.71 -36.06
C GLU A 450 5.44 -9.12 -35.58
N LYS A 451 4.56 -9.67 -34.74
CA LYS A 451 4.78 -11.02 -34.23
C LYS A 451 4.49 -12.08 -35.28
N MET A 452 3.63 -11.77 -36.25
CA MET A 452 3.34 -12.74 -37.31
C MET A 452 4.45 -12.80 -38.35
N ASN A 453 4.88 -11.65 -38.85
CA ASN A 453 5.94 -11.55 -39.86
C ASN A 453 5.62 -12.43 -41.08
N VAL A 454 4.62 -11.98 -41.83
CA VAL A 454 4.12 -12.78 -42.94
C VAL A 454 5.09 -12.79 -44.11
N PHE A 455 5.93 -11.77 -44.23
CA PHE A 455 6.83 -11.63 -45.38
C PHE A 455 8.24 -12.14 -45.11
N ASP A 456 8.51 -12.66 -43.91
CA ASP A 456 9.83 -13.18 -43.55
C ASP A 456 10.91 -12.10 -43.66
N THR A 457 10.55 -10.86 -43.34
CA THR A 457 11.53 -9.78 -43.33
C THR A 457 12.58 -10.04 -42.27
N GLU A 458 13.84 -9.80 -42.62
CA GLU A 458 14.93 -10.07 -41.68
C GLU A 458 14.89 -9.04 -40.55
N LEU A 459 14.74 -9.53 -39.32
CA LEU A 459 14.66 -8.69 -38.14
C LEU A 459 15.99 -8.61 -37.39
N LYS A 460 17.01 -9.35 -37.82
CA LYS A 460 18.30 -9.32 -37.14
C LYS A 460 19.11 -8.10 -37.55
N GLY A 461 19.99 -7.67 -36.67
CA GLY A 461 20.76 -6.47 -36.92
C GLY A 461 19.92 -5.22 -37.05
N LEU A 462 18.79 -5.17 -36.35
CA LEU A 462 17.85 -4.06 -36.45
C LEU A 462 17.66 -3.45 -35.07
N SER A 463 17.57 -2.11 -35.03
CA SER A 463 17.46 -1.41 -33.77
C SER A 463 16.13 -1.71 -33.09
N LYS A 464 16.10 -1.49 -31.77
CA LYS A 464 14.88 -1.70 -31.01
C LYS A 464 13.75 -0.79 -31.48
N ILE A 465 14.08 0.44 -31.89
CA ILE A 465 13.06 1.35 -32.40
C ILE A 465 12.60 0.90 -33.78
N GLU A 466 13.54 0.54 -34.65
CA GLU A 466 13.19 0.06 -35.98
C GLU A 466 12.40 -1.24 -35.92
N ARG A 467 12.60 -2.03 -34.87
CA ARG A 467 11.89 -3.30 -34.72
C ARG A 467 10.42 -3.11 -34.41
N ALA A 468 10.02 -1.92 -33.93
CA ALA A 468 8.63 -1.71 -33.54
C ALA A 468 7.70 -1.71 -34.76
N ASN A 469 8.01 -0.88 -35.74
CA ASN A 469 7.23 -0.76 -36.97
C ASN A 469 7.78 -1.58 -38.13
N ALA A 470 8.79 -2.42 -37.89
CA ALA A 470 9.50 -3.11 -38.97
C ALA A 470 8.55 -3.83 -39.91
N CYS A 471 7.70 -4.71 -39.39
CA CYS A 471 6.80 -5.48 -40.24
C CYS A 471 5.64 -4.65 -40.78
N ASN A 472 5.31 -3.53 -40.12
CA ASN A 472 4.27 -2.66 -40.64
C ASN A 472 4.78 -1.81 -41.80
N SER A 473 6.04 -1.38 -41.73
CA SER A 473 6.59 -0.54 -42.79
C SER A 473 6.63 -1.27 -44.12
N VAL A 474 6.80 -2.59 -44.11
CA VAL A 474 6.82 -3.35 -45.35
C VAL A 474 5.45 -3.30 -46.03
N ILE A 475 4.37 -3.48 -45.26
CA ILE A 475 3.04 -3.42 -45.82
C ILE A 475 2.69 -2.00 -46.26
N LYS A 476 3.24 -0.99 -45.58
CA LYS A 476 3.04 0.39 -46.02
C LYS A 476 3.72 0.67 -47.35
N GLN A 477 4.88 0.04 -47.60
CA GLN A 477 5.53 0.18 -48.91
C GLN A 477 4.73 -0.51 -50.00
N LEU A 478 3.98 -1.57 -49.65
CA LEU A 478 3.21 -2.30 -50.65
C LEU A 478 1.96 -1.54 -51.05
N MET A 479 1.04 -1.35 -50.11
CA MET A 479 -0.23 -0.69 -50.40
C MET A 479 -0.18 0.75 -49.93
N LYS A 480 -0.78 1.64 -50.73
CA LYS A 480 -0.88 3.06 -50.40
C LYS A 480 -2.32 3.36 -50.02
N LYS A 481 -2.52 3.80 -48.78
CA LYS A 481 -3.85 4.16 -48.32
C LYS A 481 -4.18 5.56 -48.82
N GLU A 482 -5.21 5.66 -49.66
CA GLU A 482 -5.59 6.96 -50.22
C GLU A 482 -6.41 7.77 -49.22
N PHE A 483 -7.41 7.16 -48.60
CA PHE A 483 -8.23 7.81 -47.59
C PHE A 483 -8.78 6.75 -46.64
N THR A 484 -9.50 7.20 -45.62
CA THR A 484 -10.03 6.33 -44.60
C THR A 484 -11.48 6.70 -44.33
N LEU A 485 -12.36 5.69 -44.29
CA LEU A 485 -13.74 5.90 -43.89
C LEU A 485 -13.81 5.84 -42.38
N GLU A 486 -14.20 6.95 -41.76
CA GLU A 486 -14.13 7.08 -40.31
C GLU A 486 -15.10 6.13 -39.63
N PHE A 487 -14.74 5.71 -38.42
CA PHE A 487 -15.62 4.87 -37.62
C PHE A 487 -16.88 5.64 -37.26
N SER A 488 -18.03 5.01 -37.44
CA SER A 488 -19.31 5.61 -37.12
C SER A 488 -20.10 4.66 -36.21
N ARG A 489 -20.90 5.25 -35.32
CA ARG A 489 -21.60 4.46 -34.32
C ARG A 489 -22.69 3.59 -34.94
N ASP A 490 -23.21 3.97 -36.11
CA ASP A 490 -24.32 3.22 -36.69
C ASP A 490 -23.86 1.86 -37.21
N ARG A 491 -22.82 1.82 -38.03
CA ARG A 491 -22.35 0.56 -38.61
C ARG A 491 -21.36 -0.18 -37.72
N LYS A 492 -20.77 0.50 -36.73
CA LYS A 492 -19.83 -0.13 -35.80
C LYS A 492 -18.65 -0.77 -36.53
N SER A 493 -18.04 0.00 -37.43
CA SER A 493 -16.90 -0.48 -38.20
C SER A 493 -16.19 0.70 -38.85
N MET A 494 -15.11 0.40 -39.56
CA MET A 494 -14.36 1.40 -40.31
C MET A 494 -13.61 0.70 -41.43
N SER A 495 -13.16 1.48 -42.41
CA SER A 495 -12.51 0.90 -43.57
C SER A 495 -11.51 1.89 -44.16
N VAL A 496 -10.62 1.36 -45.00
CA VAL A 496 -9.61 2.14 -45.68
C VAL A 496 -9.59 1.75 -47.16
N TYR A 497 -9.31 2.73 -48.01
CA TYR A 497 -9.21 2.51 -49.45
C TYR A 497 -7.74 2.53 -49.82
N CYS A 498 -7.21 1.38 -50.21
CA CYS A 498 -5.79 1.22 -50.51
C CYS A 498 -5.62 0.68 -51.92
N THR A 499 -4.60 1.19 -52.62
CA THR A 499 -4.22 0.72 -53.93
C THR A 499 -2.79 0.19 -53.89
N PRO A 500 -2.49 -0.87 -54.65
CA PRO A 500 -1.13 -1.41 -54.64
C PRO A 500 -0.14 -0.44 -55.30
N ASN A 501 1.13 -0.62 -54.97
CA ASN A 501 2.19 0.24 -55.48
C ASN A 501 3.10 -0.49 -56.46
N LYS A 502 3.70 -1.61 -56.02
CA LYS A 502 4.55 -2.45 -56.90
C LYS A 502 3.82 -3.15 -58.07
N PRO A 503 2.69 -3.83 -57.82
CA PRO A 503 1.89 -4.34 -58.96
C PRO A 503 1.00 -3.24 -59.54
N SER A 504 1.64 -2.30 -60.23
CA SER A 504 0.91 -1.12 -60.73
C SER A 504 -0.14 -1.51 -61.76
N ARG A 505 0.29 -2.14 -62.85
CA ARG A 505 -0.63 -2.47 -63.94
C ARG A 505 -1.21 -3.88 -63.83
N THR A 506 -0.71 -4.70 -62.93
CA THR A 506 -1.21 -6.06 -62.75
C THR A 506 -2.21 -6.21 -61.62
N SER A 507 -2.54 -5.12 -60.92
CA SER A 507 -3.42 -5.19 -59.77
C SER A 507 -4.34 -3.98 -59.73
N MET A 508 -5.37 -4.07 -58.90
CA MET A 508 -6.40 -3.04 -58.80
C MET A 508 -6.69 -2.76 -57.33
N SER A 509 -7.44 -1.68 -57.09
CA SER A 509 -7.70 -1.21 -55.73
C SER A 509 -8.55 -2.20 -54.96
N LYS A 510 -8.39 -2.17 -53.63
CA LYS A 510 -9.19 -2.97 -52.72
C LYS A 510 -9.51 -2.14 -51.48
N MET A 511 -10.43 -2.66 -50.66
CA MET A 511 -10.91 -1.94 -49.48
C MET A 511 -10.99 -2.92 -48.32
N PHE A 512 -10.33 -2.59 -47.21
CA PHE A 512 -10.26 -3.44 -46.02
C PHE A 512 -11.15 -2.87 -44.94
N VAL A 513 -11.94 -3.73 -44.30
CA VAL A 513 -12.92 -3.33 -43.29
C VAL A 513 -12.66 -4.10 -42.01
N LYS A 514 -12.82 -3.42 -40.87
CA LYS A 514 -12.82 -4.05 -39.56
C LYS A 514 -13.91 -3.43 -38.71
N GLY A 515 -14.50 -4.23 -37.83
CA GLY A 515 -15.55 -3.72 -36.97
C GLY A 515 -16.16 -4.84 -36.16
N ALA A 516 -17.28 -4.50 -35.52
CA ALA A 516 -18.00 -5.48 -34.71
C ALA A 516 -18.42 -6.65 -35.58
N PRO A 517 -18.31 -7.89 -35.09
CA PRO A 517 -18.60 -9.05 -35.95
C PRO A 517 -20.04 -9.10 -36.45
N GLU A 518 -21.00 -8.69 -35.62
CA GLU A 518 -22.41 -8.77 -36.03
C GLU A 518 -22.70 -7.83 -37.19
N GLY A 519 -22.22 -6.59 -37.12
CA GLY A 519 -22.52 -5.61 -38.15
C GLY A 519 -21.73 -5.77 -39.43
N VAL A 520 -20.58 -6.45 -39.36
CA VAL A 520 -19.70 -6.57 -40.52
C VAL A 520 -20.09 -7.76 -41.39
N ILE A 521 -20.03 -8.97 -40.82
CA ILE A 521 -20.26 -10.17 -41.62
C ILE A 521 -21.70 -10.26 -42.14
N ASP A 522 -22.63 -9.50 -41.56
CA ASP A 522 -23.94 -9.37 -42.18
C ASP A 522 -23.86 -8.63 -43.51
N ARG A 523 -22.85 -7.78 -43.66
CA ARG A 523 -22.57 -7.11 -44.93
C ARG A 523 -21.54 -7.86 -45.77
N CYS A 524 -21.11 -9.05 -45.32
CA CYS A 524 -20.20 -9.88 -46.09
C CYS A 524 -21.01 -10.90 -46.90
N THR A 525 -20.87 -10.83 -48.23
CA THR A 525 -21.56 -11.75 -49.13
C THR A 525 -20.71 -12.94 -49.53
N HIS A 526 -19.46 -13.02 -49.07
CA HIS A 526 -18.56 -14.11 -49.46
C HIS A 526 -17.67 -14.46 -48.27
N ILE A 527 -16.82 -15.47 -48.47
CA ILE A 527 -15.83 -15.89 -47.49
C ILE A 527 -14.51 -16.09 -48.22
N ARG A 528 -13.42 -15.67 -47.58
CA ARG A 528 -12.08 -15.77 -48.16
C ARG A 528 -11.47 -17.08 -47.69
N VAL A 529 -11.31 -18.03 -48.60
CA VAL A 529 -10.71 -19.32 -48.30
C VAL A 529 -9.37 -19.36 -49.02
N GLY A 530 -8.29 -19.28 -48.25
CA GLY A 530 -6.98 -19.13 -48.86
C GLY A 530 -6.95 -17.87 -49.71
N SER A 531 -6.56 -18.03 -50.97
CA SER A 531 -6.60 -16.94 -51.94
C SER A 531 -7.86 -16.95 -52.80
N THR A 532 -8.75 -17.90 -52.61
CA THR A 532 -9.95 -18.03 -53.42
C THR A 532 -11.11 -17.25 -52.78
N LYS A 533 -12.25 -17.25 -53.46
CA LYS A 533 -13.44 -16.54 -52.97
C LYS A 533 -14.65 -17.44 -53.16
N VAL A 534 -15.36 -17.69 -52.07
CA VAL A 534 -16.52 -18.60 -52.06
C VAL A 534 -17.71 -17.82 -51.53
N PRO A 535 -18.91 -18.03 -52.07
CA PRO A 535 -20.08 -17.29 -51.57
C PRO A 535 -20.40 -17.65 -50.12
N MET A 536 -21.03 -16.71 -49.43
CA MET A 536 -21.39 -16.86 -48.04
C MET A 536 -22.73 -17.58 -47.93
N THR A 537 -22.70 -18.74 -47.33
CA THR A 537 -23.86 -19.60 -47.09
C THR A 537 -24.46 -19.29 -45.72
N PRO A 538 -25.79 -19.28 -45.60
CA PRO A 538 -26.40 -19.17 -44.27
C PRO A 538 -25.90 -20.24 -43.30
N GLY A 539 -25.58 -21.43 -43.80
CA GLY A 539 -24.96 -22.43 -42.94
C GLY A 539 -23.51 -22.10 -42.61
N VAL A 540 -22.81 -21.44 -43.53
CA VAL A 540 -21.44 -21.02 -43.27
C VAL A 540 -21.41 -19.84 -42.32
N LYS A 541 -22.28 -18.84 -42.54
CA LYS A 541 -22.33 -17.69 -41.65
C LYS A 541 -22.82 -18.07 -40.26
N GLN A 542 -23.57 -19.17 -40.12
CA GLN A 542 -23.97 -19.63 -38.80
C GLN A 542 -22.82 -20.28 -38.06
N LYS A 543 -21.95 -21.00 -38.79
CA LYS A 543 -20.79 -21.63 -38.16
C LYS A 543 -19.72 -20.60 -37.82
N ILE A 544 -19.60 -19.53 -38.62
CA ILE A 544 -18.62 -18.49 -38.34
C ILE A 544 -18.94 -17.77 -37.03
N MET A 545 -20.21 -17.37 -36.87
CA MET A 545 -20.60 -16.68 -35.64
C MET A 545 -20.59 -17.62 -34.44
N SER A 546 -20.80 -18.92 -34.68
CA SER A 546 -20.77 -19.88 -33.57
C SER A 546 -19.42 -19.87 -32.86
N VAL A 547 -18.34 -19.61 -33.60
CA VAL A 547 -17.03 -19.50 -32.98
C VAL A 547 -16.85 -18.16 -32.28
N ILE A 548 -17.23 -17.07 -32.96
CA ILE A 548 -17.06 -15.74 -32.39
C ILE A 548 -17.94 -15.56 -31.15
N ARG A 549 -19.06 -16.28 -31.06
CA ARG A 549 -19.88 -16.21 -29.86
C ARG A 549 -19.20 -16.93 -28.69
N GLU A 550 -18.60 -18.09 -28.95
CA GLU A 550 -17.89 -18.82 -27.89
C GLU A 550 -16.65 -18.07 -27.43
N TRP A 551 -16.09 -17.20 -28.27
CA TRP A 551 -14.95 -16.40 -27.84
C TRP A 551 -15.38 -15.23 -26.98
N GLY A 552 -16.47 -14.55 -27.34
CA GLY A 552 -16.89 -13.38 -26.59
C GLY A 552 -17.57 -13.73 -25.27
N SER A 553 -18.49 -14.69 -25.30
CA SER A 553 -19.28 -15.04 -24.13
C SER A 553 -18.73 -16.24 -23.37
N GLY A 554 -17.69 -16.89 -23.87
CA GLY A 554 -17.18 -18.09 -23.26
C GLY A 554 -16.33 -17.81 -22.03
N SER A 555 -15.64 -18.85 -21.56
CA SER A 555 -14.70 -18.69 -20.48
C SER A 555 -13.51 -17.81 -20.88
N ASP A 556 -13.25 -17.70 -22.18
CA ASP A 556 -12.22 -16.78 -22.65
C ASP A 556 -12.66 -15.33 -22.48
N THR A 557 -13.82 -14.98 -23.01
CA THR A 557 -14.38 -13.63 -22.93
C THR A 557 -13.40 -12.58 -23.46
N LEU A 558 -13.22 -12.62 -24.78
CA LEU A 558 -12.30 -11.76 -25.49
C LEU A 558 -13.07 -10.79 -26.37
N ARG A 559 -12.49 -9.61 -26.58
CA ARG A 559 -13.01 -8.69 -27.58
C ARG A 559 -12.66 -9.22 -28.97
N CYS A 560 -13.62 -9.11 -29.90
CA CYS A 560 -13.43 -9.66 -31.23
C CYS A 560 -13.68 -8.57 -32.28
N LEU A 561 -12.97 -8.70 -33.40
CA LEU A 561 -13.11 -7.78 -34.53
C LEU A 561 -13.16 -8.61 -35.80
N ALA A 562 -14.23 -8.42 -36.58
CA ALA A 562 -14.36 -9.11 -37.86
C ALA A 562 -13.54 -8.39 -38.92
N LEU A 563 -12.67 -9.13 -39.60
CA LEU A 563 -11.78 -8.59 -40.61
C LEU A 563 -12.26 -9.06 -41.98
N ALA A 564 -12.72 -8.12 -42.80
CA ALA A 564 -13.21 -8.41 -44.13
C ALA A 564 -12.63 -7.40 -45.12
N THR A 565 -12.75 -7.72 -46.41
CA THR A 565 -12.19 -6.88 -47.45
C THR A 565 -13.15 -6.84 -48.64
N HIS A 566 -13.09 -5.75 -49.40
CA HIS A 566 -13.87 -5.56 -50.61
C HIS A 566 -12.91 -5.64 -51.79
N ASP A 567 -13.06 -6.67 -52.63
CA ASP A 567 -12.12 -6.89 -53.71
C ASP A 567 -12.33 -5.92 -54.87
N ASN A 568 -13.59 -5.56 -55.15
CA ASN A 568 -13.92 -4.63 -56.23
C ASN A 568 -14.65 -3.44 -55.62
N PRO A 569 -13.91 -2.49 -55.05
CA PRO A 569 -14.56 -1.36 -54.37
C PRO A 569 -15.12 -0.36 -55.37
N MET A 570 -16.00 0.50 -54.86
CA MET A 570 -16.60 1.55 -55.65
C MET A 570 -15.53 2.56 -56.09
N ARG A 571 -15.83 3.27 -57.17
CA ARG A 571 -14.88 4.22 -57.75
C ARG A 571 -14.64 5.40 -56.81
N ARG A 572 -13.51 6.07 -57.05
CA ARG A 572 -13.10 7.18 -56.19
C ARG A 572 -14.11 8.33 -56.23
N GLU A 573 -14.42 8.81 -57.44
CA GLU A 573 -15.31 9.96 -57.56
C GLU A 573 -16.71 9.66 -57.06
N GLU A 574 -17.13 8.39 -57.11
CA GLU A 574 -18.48 8.01 -56.71
C GLU A 574 -18.71 8.06 -55.20
N MET A 575 -17.67 8.32 -54.41
CA MET A 575 -17.79 8.37 -52.96
C MET A 575 -17.68 9.81 -52.48
N ASN A 576 -18.75 10.31 -51.87
CA ASN A 576 -18.75 11.63 -51.23
C ASN A 576 -18.64 11.41 -49.72
N LEU A 577 -17.55 11.89 -49.14
CA LEU A 577 -17.13 11.52 -47.79
C LEU A 577 -17.62 12.48 -46.71
N GLU A 578 -18.42 13.49 -47.06
CA GLU A 578 -18.88 14.44 -46.05
C GLU A 578 -19.88 13.79 -45.10
N ASP A 579 -20.86 13.06 -45.63
CA ASP A 579 -21.88 12.43 -44.81
C ASP A 579 -21.36 11.07 -44.32
N SER A 580 -21.37 10.89 -43.00
CA SER A 580 -20.87 9.65 -42.40
C SER A 580 -21.84 8.50 -42.56
N ALA A 581 -23.12 8.79 -42.83
CA ALA A 581 -24.12 7.74 -42.96
C ALA A 581 -23.96 6.94 -44.25
N ASN A 582 -23.35 7.53 -45.28
CA ASN A 582 -23.14 6.82 -46.54
C ASN A 582 -22.05 5.76 -46.46
N PHE A 583 -21.28 5.72 -45.36
CA PHE A 583 -20.15 4.80 -45.27
C PHE A 583 -20.60 3.35 -45.14
N ILE A 584 -21.73 3.12 -44.46
CA ILE A 584 -22.25 1.75 -44.36
C ILE A 584 -22.69 1.25 -45.73
N LYS A 585 -23.07 2.15 -46.63
CA LYS A 585 -23.41 1.76 -48.00
C LYS A 585 -22.15 1.50 -48.82
N TYR A 586 -21.10 2.30 -48.60
CA TYR A 586 -19.86 2.11 -49.34
C TYR A 586 -19.20 0.78 -49.01
N GLU A 587 -19.39 0.27 -47.80
CA GLU A 587 -18.82 -1.01 -47.38
C GLU A 587 -19.93 -2.04 -47.48
N THR A 588 -19.87 -2.87 -48.52
CA THR A 588 -20.87 -3.89 -48.74
C THR A 588 -20.29 -4.92 -49.71
N ASN A 589 -20.93 -6.09 -49.77
CA ASN A 589 -20.46 -7.19 -50.61
C ASN A 589 -19.06 -7.63 -50.23
N LEU A 590 -18.74 -7.53 -48.94
CA LEU A 590 -17.40 -7.82 -48.47
C LEU A 590 -17.14 -9.33 -48.46
N THR A 591 -15.86 -9.68 -48.49
CA THR A 591 -15.41 -11.05 -48.36
C THR A 591 -14.78 -11.22 -46.99
N PHE A 592 -15.37 -12.10 -46.17
CA PHE A 592 -14.88 -12.29 -44.81
C PHE A 592 -13.52 -12.97 -44.85
N VAL A 593 -12.52 -12.32 -44.25
CA VAL A 593 -11.16 -12.86 -44.21
C VAL A 593 -11.02 -13.68 -42.94
N GLY A 594 -11.11 -13.02 -41.79
CA GLY A 594 -11.01 -13.70 -40.52
C GLY A 594 -11.47 -12.82 -39.40
N CYS A 595 -11.20 -13.28 -38.18
CA CYS A 595 -11.52 -12.53 -36.97
C CYS A 595 -10.44 -12.77 -35.93
N VAL A 596 -10.16 -11.73 -35.16
CA VAL A 596 -9.08 -11.75 -34.17
C VAL A 596 -9.65 -11.39 -32.81
N GLY A 597 -9.45 -12.26 -31.83
CA GLY A 597 -9.81 -11.96 -30.45
C GLY A 597 -8.64 -11.36 -29.69
N MET A 598 -8.97 -10.54 -28.69
CA MET A 598 -7.95 -9.89 -27.89
C MET A 598 -8.42 -9.76 -26.44
N LEU A 599 -7.46 -9.65 -25.53
CA LEU A 599 -7.73 -9.60 -24.11
C LEU A 599 -6.61 -8.84 -23.43
N ASP A 600 -6.93 -8.27 -22.26
CA ASP A 600 -5.90 -7.71 -21.39
C ASP A 600 -5.39 -8.85 -20.52
N PRO A 601 -4.18 -9.35 -20.76
CA PRO A 601 -3.76 -10.60 -20.11
C PRO A 601 -3.42 -10.38 -18.64
N PRO A 602 -3.78 -11.33 -17.78
CA PRO A 602 -3.35 -11.24 -16.38
C PRO A 602 -1.85 -11.45 -16.26
N ARG A 603 -1.28 -10.87 -15.22
CA ARG A 603 0.15 -11.00 -14.99
C ARG A 603 0.51 -12.43 -14.60
N ILE A 604 1.75 -12.81 -14.90
CA ILE A 604 2.14 -14.22 -14.84
C ILE A 604 2.05 -14.77 -13.42
N GLU A 605 2.52 -14.00 -12.44
CA GLU A 605 2.60 -14.48 -11.07
C GLU A 605 1.37 -14.20 -10.24
N VAL A 606 0.32 -13.63 -10.84
CA VAL A 606 -0.89 -13.29 -10.08
C VAL A 606 -1.64 -14.56 -9.68
N ALA A 607 -1.83 -15.47 -10.63
CA ALA A 607 -2.60 -16.69 -10.35
C ALA A 607 -1.94 -17.54 -9.27
N SER A 608 -0.61 -17.55 -9.23
CA SER A 608 0.09 -18.30 -8.20
C SER A 608 0.01 -17.62 -6.84
N SER A 609 0.02 -16.29 -6.82
CA SER A 609 -0.06 -15.56 -5.55
C SER A 609 -1.43 -15.72 -4.90
N VAL A 610 -2.49 -15.89 -5.71
CA VAL A 610 -3.83 -16.07 -5.15
C VAL A 610 -3.92 -17.39 -4.41
N LYS A 611 -3.32 -18.46 -4.96
CA LYS A 611 -3.35 -19.76 -4.29
C LYS A 611 -2.60 -19.72 -2.96
N LEU A 612 -1.54 -18.89 -2.87
CA LEU A 612 -0.78 -18.82 -1.63
C LEU A 612 -1.52 -18.04 -0.55
N CYS A 613 -2.17 -16.94 -0.91
CA CYS A 613 -2.99 -16.22 0.06
C CYS A 613 -4.15 -17.06 0.54
N ARG A 614 -4.64 -17.97 -0.30
CA ARG A 614 -5.73 -18.85 0.11
C ARG A 614 -5.28 -19.82 1.18
N GLN A 615 -4.03 -20.29 1.11
CA GLN A 615 -3.49 -21.16 2.16
C GLN A 615 -3.16 -20.38 3.42
N ALA A 616 -2.97 -19.07 3.32
CA ALA A 616 -2.70 -18.22 4.47
C ALA A 616 -3.97 -17.64 5.08
N GLY A 617 -5.15 -18.00 4.56
CA GLY A 617 -6.39 -17.47 5.08
C GLY A 617 -6.68 -16.04 4.70
N ILE A 618 -6.16 -15.58 3.57
CA ILE A 618 -6.32 -14.21 3.11
C ILE A 618 -7.17 -14.22 1.85
N ARG A 619 -8.31 -13.53 1.91
CA ARG A 619 -9.20 -13.44 0.76
C ARG A 619 -8.67 -12.42 -0.24
N VAL A 620 -9.11 -12.57 -1.49
CA VAL A 620 -8.81 -11.64 -2.56
C VAL A 620 -10.14 -11.20 -3.18
N ILE A 621 -10.28 -9.88 -3.39
CA ILE A 621 -11.51 -9.30 -3.93
C ILE A 621 -11.12 -8.30 -5.02
N MET A 622 -11.60 -8.56 -6.24
CA MET A 622 -11.31 -7.67 -7.36
C MET A 622 -12.30 -6.52 -7.36
N ILE A 623 -11.77 -5.29 -7.32
CA ILE A 623 -12.57 -4.08 -7.46
C ILE A 623 -12.02 -3.33 -8.66
N THR A 624 -12.78 -3.27 -9.75
CA THR A 624 -12.31 -2.69 -10.99
C THR A 624 -13.35 -1.69 -11.52
N GLY A 625 -13.00 -1.04 -12.61
CA GLY A 625 -13.91 -0.15 -13.30
C GLY A 625 -14.44 -0.77 -14.57
N ASP A 626 -13.89 -1.92 -14.94
CA ASP A 626 -14.26 -2.59 -16.18
C ASP A 626 -15.64 -3.25 -16.02
N ASN A 627 -16.11 -3.86 -17.10
CA ASN A 627 -17.42 -4.48 -17.11
C ASN A 627 -17.43 -5.75 -16.27
N LYS A 628 -18.63 -6.16 -15.86
CA LYS A 628 -18.77 -7.33 -15.00
C LYS A 628 -18.38 -8.61 -15.72
N GLY A 629 -18.70 -8.70 -17.01
CA GLY A 629 -18.35 -9.91 -17.76
C GLY A 629 -16.86 -10.12 -17.88
N THR A 630 -16.11 -9.06 -18.15
CA THR A 630 -14.66 -9.18 -18.28
C THR A 630 -14.01 -9.47 -16.94
N ALA A 631 -14.51 -8.85 -15.87
CA ALA A 631 -13.93 -9.04 -14.55
C ALA A 631 -14.08 -10.48 -14.07
N VAL A 632 -15.28 -11.03 -14.17
CA VAL A 632 -15.50 -12.42 -13.78
C VAL A 632 -14.63 -13.35 -14.61
N ALA A 633 -14.43 -13.02 -15.89
CA ALA A 633 -13.57 -13.83 -16.75
C ALA A 633 -12.13 -13.84 -16.23
N ILE A 634 -11.64 -12.69 -15.77
CA ILE A 634 -10.31 -12.63 -15.20
C ILE A 634 -10.25 -13.39 -13.89
N CYS A 635 -11.31 -13.27 -13.07
CA CYS A 635 -11.33 -13.95 -11.78
C CYS A 635 -11.27 -15.46 -11.92
N ARG A 636 -11.86 -16.01 -12.99
CA ARG A 636 -11.79 -17.44 -13.21
C ARG A 636 -10.40 -17.87 -13.63
N ARG A 637 -9.67 -17.01 -14.34
CA ARG A 637 -8.30 -17.34 -14.73
C ARG A 637 -7.36 -17.33 -13.53
N ILE A 638 -7.36 -16.22 -12.78
CA ILE A 638 -6.40 -16.06 -11.69
C ILE A 638 -6.72 -16.92 -10.47
N GLY A 639 -7.90 -17.53 -10.42
CA GLY A 639 -8.25 -18.43 -9.34
C GLY A 639 -9.15 -17.85 -8.28
N ILE A 640 -9.62 -16.61 -8.43
CA ILE A 640 -10.56 -16.03 -7.47
C ILE A 640 -11.85 -16.82 -7.45
N PHE A 641 -12.36 -17.19 -8.63
CA PHE A 641 -13.53 -18.05 -8.76
C PHE A 641 -13.12 -19.38 -9.37
N GLY A 642 -14.10 -20.27 -9.51
CA GLY A 642 -13.93 -21.50 -10.25
C GLY A 642 -14.47 -21.36 -11.66
N GLN A 643 -14.06 -22.27 -12.53
CA GLN A 643 -14.57 -22.27 -13.89
C GLN A 643 -16.07 -22.53 -13.92
N ASP A 644 -16.53 -23.48 -13.12
CA ASP A 644 -17.94 -23.81 -13.02
C ASP A 644 -18.63 -23.15 -11.83
N GLU A 645 -17.91 -22.31 -11.07
CA GLU A 645 -18.47 -21.73 -9.86
C GLU A 645 -19.58 -20.73 -10.20
N ASP A 646 -20.56 -20.63 -9.31
CA ASP A 646 -21.69 -19.73 -9.48
C ASP A 646 -21.33 -18.36 -8.93
N VAL A 647 -21.31 -17.35 -9.82
CA VAL A 647 -20.95 -15.99 -9.46
C VAL A 647 -22.16 -15.11 -9.16
N THR A 648 -23.36 -15.69 -9.14
CA THR A 648 -24.59 -14.90 -9.09
C THR A 648 -24.60 -13.92 -7.92
N SER A 649 -24.44 -14.43 -6.70
CA SER A 649 -24.41 -13.58 -5.51
C SER A 649 -23.00 -13.13 -5.14
N LYS A 650 -21.98 -13.61 -5.86
CA LYS A 650 -20.60 -13.29 -5.56
C LYS A 650 -20.02 -12.16 -6.41
N ALA A 651 -20.82 -11.55 -7.28
CA ALA A 651 -20.34 -10.48 -8.15
C ALA A 651 -21.41 -9.41 -8.26
N PHE A 652 -21.01 -8.15 -8.09
CA PHE A 652 -21.94 -7.02 -8.15
C PHE A 652 -21.31 -5.89 -8.94
N THR A 653 -22.18 -5.02 -9.47
CA THR A 653 -21.74 -3.83 -10.17
C THR A 653 -21.93 -2.60 -9.26
N GLY A 654 -21.55 -1.43 -9.79
CA GLY A 654 -21.63 -0.22 -8.98
C GLY A 654 -23.05 0.13 -8.62
N ARG A 655 -23.95 0.14 -9.61
CA ARG A 655 -25.33 0.50 -9.34
C ARG A 655 -26.07 -0.59 -8.57
N GLU A 656 -25.74 -1.86 -8.82
CA GLU A 656 -26.35 -2.94 -8.06
C GLU A 656 -25.97 -2.85 -6.58
N PHE A 657 -24.72 -2.49 -6.30
CA PHE A 657 -24.28 -2.37 -4.91
C PHE A 657 -24.98 -1.21 -4.22
N ASP A 658 -25.06 -0.04 -4.89
CA ASP A 658 -25.74 1.10 -4.31
C ASP A 658 -27.23 0.85 -4.16
N GLU A 659 -27.80 -0.03 -5.00
CA GLU A 659 -29.24 -0.27 -4.94
C GLU A 659 -29.62 -1.10 -3.72
N LEU A 660 -28.69 -1.90 -3.19
CA LEU A 660 -28.99 -2.74 -2.04
C LEU A 660 -29.18 -1.89 -0.79
N ASN A 661 -30.03 -2.38 0.10
CA ASN A 661 -30.20 -1.77 1.40
C ASN A 661 -28.92 -1.96 2.22
N PRO A 662 -28.67 -1.09 3.21
CA PRO A 662 -27.43 -1.21 3.98
C PRO A 662 -27.23 -2.57 4.62
N SER A 663 -28.30 -3.29 4.95
CA SER A 663 -28.16 -4.64 5.46
C SER A 663 -27.69 -5.60 4.37
N ALA A 664 -28.14 -5.39 3.14
CA ALA A 664 -27.71 -6.22 2.02
C ALA A 664 -26.32 -5.85 1.52
N GLN A 665 -25.92 -4.58 1.69
CA GLN A 665 -24.57 -4.18 1.34
C GLN A 665 -23.53 -4.82 2.26
N ARG A 666 -23.89 -5.03 3.52
CA ARG A 666 -22.95 -5.64 4.47
C ARG A 666 -22.64 -7.07 4.07
N GLU A 667 -23.67 -7.86 3.76
CA GLU A 667 -23.45 -9.25 3.36
C GLU A 667 -22.59 -9.34 2.10
N ALA A 668 -22.79 -8.40 1.17
CA ALA A 668 -22.03 -8.42 -0.08
C ALA A 668 -20.55 -8.29 0.18
N CYS A 669 -20.14 -7.30 0.99
CA CYS A 669 -18.73 -7.09 1.25
C CYS A 669 -18.07 -8.32 1.86
N LEU A 670 -18.84 -9.15 2.57
CA LEU A 670 -18.28 -10.38 3.12
C LEU A 670 -18.13 -11.47 2.06
N ASN A 671 -19.20 -11.72 1.28
CA ASN A 671 -19.23 -12.87 0.38
C ASN A 671 -18.85 -12.56 -1.07
N ALA A 672 -18.72 -11.29 -1.46
CA ALA A 672 -18.52 -10.94 -2.87
C ALA A 672 -17.05 -10.73 -3.16
N ARG A 673 -16.52 -11.47 -4.13
CA ARG A 673 -15.13 -11.38 -4.53
C ARG A 673 -14.90 -10.49 -5.76
N CYS A 674 -15.96 -9.96 -6.36
CA CYS A 674 -15.82 -9.19 -7.59
C CYS A 674 -16.76 -8.00 -7.59
N PHE A 675 -16.23 -6.81 -7.89
CA PHE A 675 -17.01 -5.60 -8.00
C PHE A 675 -16.56 -4.86 -9.25
N ALA A 676 -17.49 -4.63 -10.17
CA ALA A 676 -17.18 -4.09 -11.49
C ALA A 676 -17.96 -2.80 -11.75
N ARG A 677 -17.48 -2.05 -12.74
CA ARG A 677 -18.07 -0.75 -13.09
C ARG A 677 -18.23 0.13 -11.87
N VAL A 678 -17.14 0.26 -11.12
CA VAL A 678 -17.15 0.85 -9.78
C VAL A 678 -16.62 2.28 -9.86
N GLU A 679 -17.40 3.23 -9.34
CA GLU A 679 -16.94 4.59 -9.23
C GLU A 679 -15.81 4.67 -8.20
N PRO A 680 -14.89 5.62 -8.35
CA PRO A 680 -13.81 5.75 -7.37
C PRO A 680 -14.30 5.95 -5.94
N SER A 681 -15.44 6.63 -5.77
CA SER A 681 -16.01 6.79 -4.44
C SER A 681 -16.45 5.44 -3.86
N HIS A 682 -16.86 4.50 -4.71
CA HIS A 682 -17.28 3.20 -4.23
C HIS A 682 -16.11 2.30 -3.88
N LYS A 683 -14.91 2.58 -4.41
CA LYS A 683 -13.74 1.78 -4.03
C LYS A 683 -13.40 1.97 -2.55
N SER A 684 -13.48 3.22 -2.06
CA SER A 684 -13.29 3.45 -0.64
C SER A 684 -14.50 2.98 0.16
N LYS A 685 -15.69 3.05 -0.43
CA LYS A 685 -16.90 2.63 0.28
C LYS A 685 -16.89 1.13 0.57
N ILE A 686 -16.31 0.33 -0.32
CA ILE A 686 -16.22 -1.11 -0.08
C ILE A 686 -15.20 -1.39 1.03
N VAL A 687 -14.03 -0.74 0.97
CA VAL A 687 -13.01 -0.95 1.99
C VAL A 687 -13.49 -0.45 3.34
N GLU A 688 -14.30 0.62 3.36
CA GLU A 688 -14.82 1.15 4.62
C GLU A 688 -15.66 0.11 5.36
N PHE A 689 -16.40 -0.72 4.62
CA PHE A 689 -17.21 -1.75 5.28
C PHE A 689 -16.34 -2.87 5.84
N LEU A 690 -15.28 -3.25 5.13
CA LEU A 690 -14.37 -4.27 5.63
C LEU A 690 -13.70 -3.83 6.93
N GLN A 691 -13.43 -2.53 7.07
CA GLN A 691 -12.85 -2.03 8.31
C GLN A 691 -13.85 -2.02 9.45
N SER A 692 -15.13 -1.80 9.14
CA SER A 692 -16.17 -1.87 10.15
C SER A 692 -16.35 -3.27 10.71
N PHE A 693 -15.85 -4.29 10.00
CA PHE A 693 -15.94 -5.68 10.43
C PHE A 693 -14.70 -6.13 11.20
N ASP A 694 -13.78 -5.21 11.51
CA ASP A 694 -12.53 -5.53 12.19
C ASP A 694 -11.63 -6.42 11.34
N GLU A 695 -11.52 -6.08 10.05
CA GLU A 695 -10.65 -6.77 9.12
C GLU A 695 -9.51 -5.85 8.73
N ILE A 696 -8.33 -6.42 8.50
CA ILE A 696 -7.16 -5.69 8.07
C ILE A 696 -7.09 -5.78 6.56
N THR A 697 -7.26 -4.64 5.89
CA THR A 697 -7.40 -4.60 4.43
C THR A 697 -6.12 -4.12 3.79
N ALA A 698 -5.82 -4.69 2.61
CA ALA A 698 -4.70 -4.25 1.78
C ALA A 698 -5.25 -4.00 0.38
N MET A 699 -5.03 -2.78 -0.11
CA MET A 699 -5.54 -2.36 -1.41
C MET A 699 -4.36 -2.06 -2.32
N THR A 700 -4.29 -2.73 -3.47
CA THR A 700 -3.25 -2.46 -4.46
C THR A 700 -3.92 -1.92 -5.73
N GLY A 701 -3.84 -0.61 -5.94
CA GLY A 701 -4.18 -0.04 -7.24
C GLY A 701 -3.01 0.49 -8.02
N ASP A 702 -3.17 0.71 -9.33
CA ASP A 702 -2.27 1.54 -10.11
C ASP A 702 -2.82 2.91 -10.48
N GLY A 703 -4.09 3.19 -10.20
CA GLY A 703 -4.80 4.29 -10.82
C GLY A 703 -5.04 5.49 -9.93
N VAL A 704 -5.50 6.57 -10.58
CA VAL A 704 -5.98 7.73 -9.83
C VAL A 704 -7.29 7.41 -9.13
N ASN A 705 -8.12 6.58 -9.76
CA ASN A 705 -9.37 6.13 -9.14
C ASN A 705 -9.11 5.25 -7.93
N ASP A 706 -7.94 4.62 -7.85
CA ASP A 706 -7.60 3.78 -6.71
C ASP A 706 -7.12 4.58 -5.50
N ALA A 707 -6.80 5.87 -5.69
CA ALA A 707 -6.29 6.69 -4.59
C ALA A 707 -7.19 6.71 -3.35
N PRO A 708 -8.50 6.92 -3.45
CA PRO A 708 -9.33 6.86 -2.22
C PRO A 708 -9.25 5.52 -1.52
N ALA A 709 -9.31 4.40 -2.25
CA ALA A 709 -9.19 3.10 -1.62
C ALA A 709 -7.81 2.90 -1.01
N LEU A 710 -6.77 3.49 -1.60
CA LEU A 710 -5.43 3.36 -1.04
C LEU A 710 -5.31 4.13 0.26
N LYS A 711 -5.69 5.41 0.25
CA LYS A 711 -5.55 6.23 1.46
C LYS A 711 -6.44 5.70 2.58
N LYS A 712 -7.65 5.24 2.24
CA LYS A 712 -8.56 4.72 3.26
C LYS A 712 -8.05 3.41 3.83
N SER A 713 -7.35 2.59 3.04
CA SER A 713 -6.87 1.31 3.51
C SER A 713 -5.78 1.50 4.56
N GLU A 714 -5.66 0.52 5.45
CA GLU A 714 -4.64 0.59 6.49
C GLU A 714 -3.24 0.51 5.90
N ILE A 715 -3.02 -0.41 4.96
CA ILE A 715 -1.79 -0.48 4.19
C ILE A 715 -2.14 -0.56 2.72
N GLY A 716 -1.80 0.49 1.97
CA GLY A 716 -1.98 0.47 0.53
C GLY A 716 -0.72 0.03 -0.19
N ILE A 717 -0.91 -0.50 -1.39
CA ILE A 717 0.19 -0.96 -2.23
C ILE A 717 0.01 -0.37 -3.62
N ALA A 718 1.11 0.07 -4.23
CA ALA A 718 1.06 0.71 -5.54
C ALA A 718 2.02 0.01 -6.49
N MET A 719 1.67 0.06 -7.78
CA MET A 719 2.53 -0.48 -8.82
C MET A 719 3.48 0.60 -9.31
N GLY A 720 4.72 0.20 -9.60
CA GLY A 720 5.70 1.15 -10.08
C GLY A 720 5.36 1.73 -11.44
N SER A 721 4.62 0.99 -12.25
CA SER A 721 4.14 1.51 -13.52
C SER A 721 2.88 2.35 -13.38
N GLY A 722 2.33 2.46 -12.18
CA GLY A 722 1.15 3.25 -11.95
C GLY A 722 1.43 4.74 -11.92
N THR A 723 0.36 5.51 -11.82
CA THR A 723 0.46 6.96 -11.84
C THR A 723 1.04 7.47 -10.52
N ALA A 724 1.54 8.71 -10.56
CA ALA A 724 2.12 9.33 -9.38
C ALA A 724 1.10 9.46 -8.25
N VAL A 725 -0.17 9.63 -8.58
CA VAL A 725 -1.20 9.79 -7.55
C VAL A 725 -1.35 8.51 -6.75
N ALA A 726 -1.32 7.37 -7.42
CA ALA A 726 -1.46 6.09 -6.72
C ALA A 726 -0.26 5.80 -5.83
N LYS A 727 0.92 6.34 -6.19
CA LYS A 727 2.11 6.11 -5.39
C LYS A 727 2.10 6.91 -4.10
N THR A 728 1.76 8.20 -4.18
CA THR A 728 1.77 9.05 -3.01
C THR A 728 0.65 8.72 -2.03
N ALA A 729 -0.36 7.98 -2.47
CA ALA A 729 -1.48 7.63 -1.60
C ALA A 729 -1.25 6.32 -0.85
N SER A 730 -0.25 5.52 -1.23
CA SER A 730 -0.05 4.22 -0.59
C SER A 730 1.14 4.27 0.37
N GLU A 731 1.30 3.17 1.11
CA GLU A 731 2.44 2.98 1.99
C GLU A 731 3.53 2.09 1.40
N MET A 732 3.29 1.50 0.24
CA MET A 732 4.22 0.54 -0.34
C MET A 732 4.09 0.60 -1.85
N VAL A 733 5.22 0.43 -2.54
CA VAL A 733 5.27 0.52 -4.00
C VAL A 733 6.05 -0.68 -4.53
N LEU A 734 5.48 -1.36 -5.52
CA LEU A 734 6.18 -2.44 -6.20
C LEU A 734 6.86 -1.84 -7.43
N ALA A 735 8.19 -1.79 -7.40
CA ALA A 735 8.91 -1.16 -8.50
C ALA A 735 8.98 -2.06 -9.72
N ASP A 736 9.14 -3.38 -9.52
CA ASP A 736 9.22 -4.33 -10.61
C ASP A 736 7.85 -4.87 -11.02
N ASP A 737 6.78 -4.39 -10.41
CA ASP A 737 5.41 -4.81 -10.75
C ASP A 737 5.20 -6.31 -10.54
N ASN A 738 5.96 -6.90 -9.63
CA ASN A 738 5.86 -8.33 -9.35
C ASN A 738 4.83 -8.53 -8.24
N PHE A 739 3.75 -9.25 -8.56
CA PHE A 739 2.70 -9.48 -7.58
C PHE A 739 3.10 -10.50 -6.53
N SER A 740 4.09 -11.34 -6.82
CA SER A 740 4.59 -12.28 -5.82
C SER A 740 5.30 -11.59 -4.66
N THR A 741 5.56 -10.30 -4.77
CA THR A 741 6.10 -9.56 -3.63
C THR A 741 5.05 -9.39 -2.54
N ILE A 742 3.77 -9.38 -2.92
CA ILE A 742 2.70 -9.24 -1.93
C ILE A 742 2.68 -10.44 -0.99
N VAL A 743 2.78 -11.65 -1.53
CA VAL A 743 2.83 -12.83 -0.69
C VAL A 743 4.18 -12.97 0.00
N ALA A 744 5.24 -12.40 -0.58
CA ALA A 744 6.54 -12.39 0.09
C ALA A 744 6.61 -11.33 1.18
N ALA A 745 5.83 -10.27 1.06
CA ALA A 745 5.80 -9.24 2.10
C ALA A 745 4.93 -9.65 3.28
N VAL A 746 3.88 -10.44 3.04
CA VAL A 746 3.10 -10.98 4.14
C VAL A 746 3.94 -11.94 4.97
N GLU A 747 4.75 -12.77 4.31
CA GLU A 747 5.67 -13.64 5.04
C GLU A 747 6.69 -12.83 5.82
N GLU A 748 7.22 -11.77 5.21
CA GLU A 748 8.17 -10.90 5.91
C GLU A 748 7.48 -10.12 7.02
N GLY A 749 6.19 -9.84 6.88
CA GLY A 749 5.49 -9.09 7.91
C GLY A 749 5.08 -9.94 9.10
N ARG A 750 4.90 -11.24 8.91
CA ARG A 750 4.56 -12.12 10.03
C ARG A 750 5.77 -12.48 10.86
N ALA A 751 6.93 -12.67 10.21
CA ALA A 751 8.15 -12.96 10.95
C ALA A 751 8.54 -11.80 11.85
N ILE A 752 8.27 -10.56 11.42
CA ILE A 752 8.59 -9.40 12.24
C ILE A 752 7.65 -9.31 13.43
N TYR A 753 6.36 -9.62 13.22
CA TYR A 753 5.39 -9.51 14.31
C TYR A 753 5.67 -10.50 15.43
N ASN A 754 6.01 -11.74 15.08
CA ASN A 754 6.35 -12.73 16.10
C ASN A 754 7.60 -12.33 16.87
N ASN A 755 8.57 -11.70 16.20
CA ASN A 755 9.77 -11.24 16.88
C ASN A 755 9.54 -9.94 17.63
N MET A 756 8.66 -9.06 17.14
CA MET A 756 8.42 -7.79 17.82
C MET A 756 7.78 -8.00 19.18
N LYS A 757 6.67 -8.74 19.23
CA LYS A 757 6.03 -9.02 20.51
C LYS A 757 6.93 -9.84 21.43
N GLN A 758 7.99 -10.46 20.89
CA GLN A 758 8.88 -11.27 21.70
C GLN A 758 9.84 -10.39 22.50
N PHE A 759 10.45 -9.38 21.86
CA PHE A 759 11.30 -8.46 22.62
C PHE A 759 10.50 -7.36 23.31
N ILE A 760 9.24 -7.15 22.92
CA ILE A 760 8.37 -6.24 23.67
C ILE A 760 8.13 -6.80 25.07
N ARG A 761 7.92 -8.11 25.17
CA ARG A 761 7.77 -8.74 26.48
C ARG A 761 9.09 -8.81 27.23
N TYR A 762 10.21 -8.96 26.51
CA TYR A 762 11.52 -9.01 27.17
C TYR A 762 11.84 -7.69 27.85
N LEU A 763 11.59 -6.57 27.16
CA LEU A 763 11.84 -5.28 27.78
C LEU A 763 10.79 -4.93 28.83
N ILE A 764 9.55 -5.36 28.63
CA ILE A 764 8.51 -5.06 29.61
C ILE A 764 8.63 -5.94 30.86
N SER A 765 9.24 -7.12 30.74
CA SER A 765 9.50 -7.93 31.93
C SER A 765 10.71 -7.42 32.69
N SER A 766 11.63 -6.73 32.01
CA SER A 766 12.79 -6.15 32.70
C SER A 766 12.39 -4.97 33.56
N ASN A 767 11.34 -4.24 33.17
CA ASN A 767 10.92 -3.06 33.92
C ASN A 767 10.21 -3.45 35.22
N VAL A 768 9.35 -4.47 35.17
CA VAL A 768 8.65 -4.90 36.38
C VAL A 768 9.64 -5.45 37.41
N GLY A 769 10.77 -5.99 36.95
CA GLY A 769 11.81 -6.41 37.87
C GLY A 769 12.53 -5.24 38.52
N GLU A 770 12.64 -4.12 37.80
CA GLU A 770 13.26 -2.93 38.37
C GLU A 770 12.32 -2.18 39.31
N VAL A 771 11.01 -2.30 39.09
CA VAL A 771 10.06 -1.67 40.01
C VAL A 771 10.01 -2.43 41.34
N VAL A 772 10.02 -3.77 41.28
CA VAL A 772 10.03 -4.56 42.50
C VAL A 772 11.31 -4.31 43.31
N CYS A 773 12.43 -4.11 42.62
CA CYS A 773 13.68 -3.81 43.32
C CYS A 773 13.61 -2.45 44.01
N ILE A 774 13.08 -1.43 43.33
CA ILE A 774 13.04 -0.10 43.93
C ILE A 774 11.89 0.01 44.94
N PHE A 775 10.84 -0.79 44.79
CA PHE A 775 9.75 -0.78 45.76
C PHE A 775 10.10 -1.57 47.01
N LEU A 776 10.94 -2.60 46.88
CA LEU A 776 11.29 -3.41 48.05
C LEU A 776 12.29 -2.69 48.95
N THR A 777 13.26 -1.99 48.36
CA THR A 777 14.20 -1.21 49.17
C THR A 777 13.50 -0.03 49.85
N ALA A 778 12.43 0.48 49.26
CA ALA A 778 11.68 1.57 49.86
C ALA A 778 10.77 1.10 50.99
N ALA A 779 10.28 -0.15 50.90
CA ALA A 779 9.45 -0.70 51.97
C ALA A 779 10.31 -1.18 53.13
N LEU A 780 11.42 -1.85 52.84
CA LEU A 780 12.31 -2.32 53.90
C LEU A 780 13.09 -1.17 54.52
N GLY A 781 13.45 -0.16 53.73
CA GLY A 781 14.24 0.95 54.21
C GLY A 781 15.73 0.84 53.95
N PHE A 782 16.16 -0.04 53.04
CA PHE A 782 17.57 -0.19 52.74
C PHE A 782 18.05 0.99 51.88
N PRO A 783 19.35 1.21 51.83
CA PRO A 783 19.88 2.22 50.90
C PRO A 783 19.64 1.83 49.46
N GLU A 784 19.78 2.81 48.57
CA GLU A 784 19.43 2.61 47.17
C GLU A 784 20.26 1.48 46.58
N ALA A 785 19.58 0.47 46.03
CA ALA A 785 20.27 -0.61 45.34
C ALA A 785 20.62 -0.23 43.90
N LEU A 786 19.75 0.52 43.23
CA LEU A 786 19.93 0.89 41.84
C LEU A 786 19.61 2.36 41.66
N ILE A 787 20.52 3.09 41.03
CA ILE A 787 20.33 4.51 40.74
C ILE A 787 19.67 4.63 39.37
N PRO A 788 18.71 5.53 39.17
CA PRO A 788 18.11 5.68 37.84
C PRO A 788 19.10 5.94 36.72
N VAL A 789 20.29 6.47 37.05
CA VAL A 789 21.34 6.59 36.04
C VAL A 789 21.77 5.21 35.56
N GLN A 790 21.92 4.27 36.50
CA GLN A 790 22.28 2.90 36.12
C GLN A 790 21.13 2.21 35.38
N LEU A 791 19.89 2.49 35.79
CA LEU A 791 18.74 1.84 35.17
C LEU A 791 18.59 2.25 33.70
N LEU A 792 18.92 3.50 33.38
CA LEU A 792 18.85 3.94 31.98
C LEU A 792 19.88 3.21 31.13
N TRP A 793 21.10 3.02 31.65
CA TRP A 793 22.10 2.27 30.92
C TRP A 793 21.66 0.83 30.72
N VAL A 794 20.97 0.26 31.70
CA VAL A 794 20.45 -1.10 31.56
C VAL A 794 19.29 -1.13 30.58
N ASN A 795 18.39 -0.14 30.66
CA ASN A 795 17.22 -0.12 29.79
C ASN A 795 17.58 0.13 28.34
N LEU A 796 18.68 0.84 28.08
CA LEU A 796 19.03 1.20 26.71
C LEU A 796 20.17 0.37 26.16
N VAL A 797 21.36 0.51 26.73
CA VAL A 797 22.54 -0.14 26.16
C VAL A 797 22.57 -1.62 26.51
N THR A 798 22.29 -1.97 27.76
CA THR A 798 22.41 -3.37 28.19
C THR A 798 21.29 -4.22 27.59
N ASP A 799 20.04 -3.79 27.71
CA ASP A 799 18.92 -4.56 27.22
C ASP A 799 18.58 -4.28 25.76
N GLY A 800 19.16 -3.23 25.16
CA GLY A 800 18.85 -2.92 23.78
C GLY A 800 19.56 -3.79 22.78
N LEU A 801 20.78 -4.25 23.12
CA LEU A 801 21.50 -5.14 22.21
C LEU A 801 20.82 -6.49 22.04
N PRO A 802 20.47 -7.22 23.10
CA PRO A 802 19.75 -8.49 22.89
C PRO A 802 18.33 -8.30 22.38
N ALA A 803 17.69 -7.17 22.68
CA ALA A 803 16.34 -6.93 22.18
C ALA A 803 16.35 -6.74 20.66
N THR A 804 17.32 -5.98 20.15
CA THR A 804 17.47 -5.85 18.71
C THR A 804 17.83 -7.19 18.07
N ALA A 805 18.60 -8.02 18.78
CA ALA A 805 18.94 -9.34 18.26
C ALA A 805 17.73 -10.27 18.27
N LEU A 806 16.75 -10.02 19.15
CA LEU A 806 15.54 -10.84 19.17
C LEU A 806 14.71 -10.64 17.92
N GLY A 807 14.85 -9.51 17.23
CA GLY A 807 14.21 -9.33 15.95
C GLY A 807 14.79 -10.17 14.83
N PHE A 808 15.96 -10.76 15.05
CA PHE A 808 16.60 -11.64 14.08
C PHE A 808 16.30 -13.12 14.33
N ASN A 809 15.43 -13.43 15.28
CA ASN A 809 15.10 -14.82 15.57
C ASN A 809 14.60 -15.52 14.32
N PRO A 810 14.96 -16.77 14.09
CA PRO A 810 14.56 -17.47 12.87
C PRO A 810 13.05 -17.66 12.83
N PRO A 811 12.42 -17.35 11.70
CA PRO A 811 10.96 -17.48 11.62
C PRO A 811 10.49 -18.93 11.64
N ASP A 812 9.17 -19.12 11.62
CA ASP A 812 8.60 -20.46 11.63
C ASP A 812 8.63 -21.07 10.23
N LEU A 813 8.63 -22.40 10.18
CA LEU A 813 8.62 -23.11 8.90
C LEU A 813 7.25 -22.99 8.24
N ASP A 814 6.18 -23.20 9.00
CA ASP A 814 4.81 -23.15 8.52
C ASP A 814 4.16 -21.78 8.68
N ILE A 815 4.93 -20.75 9.04
CA ILE A 815 4.40 -19.43 9.37
C ILE A 815 3.39 -18.92 8.35
N MET A 816 3.58 -19.27 7.07
CA MET A 816 2.64 -18.86 6.03
C MET A 816 1.43 -19.77 5.92
N ASN A 817 1.36 -20.85 6.70
CA ASN A 817 0.19 -21.70 6.76
C ASN A 817 -0.80 -21.28 7.83
N LYS A 818 -0.43 -20.31 8.69
CA LYS A 818 -1.27 -19.84 9.77
C LYS A 818 -2.24 -18.78 9.26
N PRO A 819 -3.48 -18.78 9.76
CA PRO A 819 -4.40 -17.68 9.45
C PRO A 819 -3.94 -16.40 10.11
N PRO A 820 -4.43 -15.24 9.66
CA PRO A 820 -3.98 -13.98 10.25
C PRO A 820 -4.37 -13.89 11.72
N ARG A 821 -3.50 -13.26 12.51
CA ARG A 821 -3.74 -13.14 13.94
C ARG A 821 -4.86 -12.13 14.22
N ASN A 822 -5.45 -12.26 15.39
CA ASN A 822 -6.51 -11.35 15.81
C ASN A 822 -5.92 -9.96 16.05
N PRO A 823 -6.41 -8.92 15.39
CA PRO A 823 -5.87 -7.57 15.65
C PRO A 823 -6.16 -7.05 17.05
N LYS A 824 -7.19 -7.58 17.72
CA LYS A 824 -7.56 -7.15 19.06
C LYS A 824 -6.97 -8.01 20.16
N GLU A 825 -6.15 -9.01 19.82
CA GLU A 825 -5.61 -9.90 20.83
C GLU A 825 -4.68 -9.15 21.77
N PRO A 826 -4.66 -9.50 23.04
CA PRO A 826 -3.76 -8.83 23.98
C PRO A 826 -2.30 -9.20 23.72
N LEU A 827 -1.41 -8.31 24.16
CA LEU A 827 0.01 -8.57 24.03
C LEU A 827 0.48 -9.66 24.97
N ILE A 828 -0.15 -9.77 26.14
CA ILE A 828 0.21 -10.76 27.15
C ILE A 828 -1.01 -11.60 27.47
N SER A 829 -0.78 -12.86 27.83
CA SER A 829 -1.84 -13.79 28.17
C SER A 829 -1.99 -13.88 29.69
N GLY A 830 -2.95 -14.69 30.12
CA GLY A 830 -3.13 -14.90 31.55
C GLY A 830 -1.96 -15.65 32.16
N TRP A 831 -1.52 -16.73 31.52
CA TRP A 831 -0.36 -17.47 32.00
C TRP A 831 0.94 -16.72 31.71
N LEU A 832 0.95 -15.90 30.66
CA LEU A 832 2.15 -15.12 30.36
C LEU A 832 2.32 -13.95 31.31
N PHE A 833 1.22 -13.35 31.77
CA PHE A 833 1.33 -12.27 32.75
C PHE A 833 1.75 -12.82 34.11
N PHE A 834 1.21 -13.97 34.51
CA PHE A 834 1.64 -14.61 35.75
C PHE A 834 3.11 -15.01 35.69
N ARG A 835 3.60 -15.39 34.50
CA ARG A 835 5.00 -15.77 34.37
C ARG A 835 5.92 -14.56 34.44
N TYR A 836 5.58 -13.49 33.71
CA TYR A 836 6.39 -12.28 33.76
C TYR A 836 6.32 -11.62 35.14
N LEU A 837 5.24 -11.84 35.87
CA LEU A 837 5.17 -11.35 37.25
C LEU A 837 6.02 -12.20 38.18
N ALA A 838 6.03 -13.52 37.98
CA ALA A 838 6.87 -14.38 38.80
C ALA A 838 8.35 -14.17 38.50
N ILE A 839 8.70 -13.93 37.22
CA ILE A 839 10.08 -13.66 36.87
C ILE A 839 10.52 -12.30 37.39
N GLY A 840 9.64 -11.30 37.28
CA GLY A 840 9.98 -9.96 37.76
C GLY A 840 10.14 -9.89 39.27
N CYS A 841 9.47 -10.78 39.99
CA CYS A 841 9.61 -10.80 41.45
C CYS A 841 10.90 -11.48 41.89
N TYR A 842 11.41 -12.43 41.10
CA TYR A 842 12.66 -13.08 41.46
C TYR A 842 13.85 -12.16 41.24
N VAL A 843 13.87 -11.43 40.13
CA VAL A 843 14.95 -10.50 39.86
C VAL A 843 14.91 -9.33 40.85
N GLY A 844 13.72 -8.88 41.23
CA GLY A 844 13.62 -7.82 42.22
C GLY A 844 14.20 -8.21 43.56
N ALA A 845 13.98 -9.47 43.97
CA ALA A 845 14.56 -9.95 45.22
C ALA A 845 16.03 -10.30 45.07
N ALA A 846 16.47 -10.64 43.85
CA ALA A 846 17.87 -10.99 43.64
C ALA A 846 18.77 -9.76 43.68
N THR A 847 18.28 -8.61 43.19
CA THR A 847 19.08 -7.39 43.24
C THR A 847 19.07 -6.78 44.64
N VAL A 848 17.93 -6.81 45.32
CA VAL A 848 17.87 -6.31 46.70
C VAL A 848 18.66 -7.23 47.63
N GLY A 849 18.51 -8.54 47.46
CA GLY A 849 19.31 -9.48 48.22
C GLY A 849 20.79 -9.39 47.95
N ALA A 850 21.19 -8.89 46.77
CA ALA A 850 22.61 -8.70 46.49
C ALA A 850 23.19 -7.56 47.34
N ALA A 851 22.43 -6.48 47.52
CA ALA A 851 22.88 -5.41 48.40
C ALA A 851 22.86 -5.85 49.85
N ALA A 852 21.87 -6.65 50.25
CA ALA A 852 21.83 -7.19 51.59
C ALA A 852 22.87 -8.28 51.82
N TRP A 853 23.37 -8.88 50.74
CA TRP A 853 24.44 -9.87 50.90
C TRP A 853 25.75 -9.22 51.29
N TRP A 854 26.18 -8.20 50.54
CA TRP A 854 27.42 -7.51 50.84
C TRP A 854 27.45 -6.98 52.27
N PHE A 855 26.30 -6.56 52.79
CA PHE A 855 26.24 -6.06 54.16
C PHE A 855 26.25 -7.20 55.17
N ILE A 856 25.43 -8.23 54.95
CA ILE A 856 25.27 -9.30 55.93
C ILE A 856 26.34 -10.38 55.83
N ALA A 857 26.99 -10.56 54.67
CA ALA A 857 27.95 -11.64 54.53
C ALA A 857 29.22 -11.39 55.33
N ALA A 858 29.54 -10.13 55.60
CA ALA A 858 30.68 -9.72 56.43
C ALA A 858 32.03 -10.15 55.85
N ASP A 859 32.11 -10.37 54.55
CA ASP A 859 33.38 -10.57 53.87
C ASP A 859 33.66 -9.32 53.05
N GLY A 860 34.61 -8.51 53.52
CA GLY A 860 34.91 -7.23 52.93
C GLY A 860 34.03 -6.09 53.40
N GLY A 861 32.82 -6.40 53.89
CA GLY A 861 31.93 -5.40 54.42
C GLY A 861 31.79 -5.50 55.92
N PRO A 862 30.87 -4.72 56.49
CA PRO A 862 30.57 -4.83 57.92
C PRO A 862 29.83 -6.13 58.22
N ARG A 863 29.74 -6.45 59.51
CA ARG A 863 29.01 -7.64 59.93
C ARG A 863 27.51 -7.42 59.74
N VAL A 864 26.72 -8.43 60.12
CA VAL A 864 25.29 -8.42 59.87
C VAL A 864 24.60 -7.56 60.92
N THR A 865 23.95 -6.49 60.47
CA THR A 865 23.05 -5.70 61.31
C THR A 865 21.77 -5.49 60.51
N PHE A 866 20.67 -6.11 60.95
CA PHE A 866 19.40 -5.90 60.26
C PHE A 866 18.70 -4.62 60.73
N TYR A 867 18.70 -4.37 62.04
CA TYR A 867 18.06 -3.16 62.54
C TYR A 867 18.80 -1.91 62.10
N GLN A 868 20.12 -1.98 61.96
CA GLN A 868 20.90 -0.85 61.48
C GLN A 868 20.79 -0.66 59.98
N LEU A 869 20.45 -1.70 59.23
CA LEU A 869 20.36 -1.58 57.78
C LEU A 869 19.11 -0.83 57.35
N SER A 870 17.94 -1.22 57.91
CA SER A 870 16.71 -0.52 57.58
C SER A 870 16.67 0.88 58.19
N HIS A 871 17.32 1.07 59.33
CA HIS A 871 17.39 2.35 60.03
C HIS A 871 18.64 3.16 59.68
N PHE A 872 19.40 2.74 58.66
CA PHE A 872 20.68 3.36 58.33
C PHE A 872 20.58 4.88 58.21
N LEU A 873 19.41 5.41 57.85
CA LEU A 873 19.23 6.86 57.84
C LEU A 873 19.40 7.46 59.23
N GLN A 874 19.21 6.66 60.28
CA GLN A 874 19.41 7.12 61.65
C GLN A 874 20.86 7.02 62.10
N CYS A 875 21.77 6.57 61.23
CA CYS A 875 23.17 6.44 61.60
C CYS A 875 23.82 7.82 61.61
N LYS A 876 24.37 8.20 62.77
CA LYS A 876 25.27 9.32 62.90
C LYS A 876 26.30 8.94 63.94
N GLU A 877 27.57 9.25 63.67
CA GLU A 877 28.64 8.83 64.57
C GLU A 877 28.40 9.39 65.97
N ASP A 878 28.77 8.61 66.98
CA ASP A 878 28.51 8.75 68.41
C ASP A 878 27.18 8.14 68.86
N ASN A 879 26.36 7.62 67.94
CA ASN A 879 25.11 6.97 68.30
C ASN A 879 25.34 5.50 68.55
N PRO A 880 24.86 4.94 69.66
CA PRO A 880 24.99 3.50 69.91
C PRO A 880 24.19 2.68 68.89
N ASP A 881 24.48 1.38 68.90
CA ASP A 881 23.96 0.36 67.99
C ASP A 881 24.66 0.40 66.64
N PHE A 882 25.34 1.51 66.35
CA PHE A 882 26.22 1.60 65.20
C PHE A 882 27.70 1.42 65.57
N GLU A 883 27.99 1.13 66.84
CA GLU A 883 29.35 0.89 67.28
C GLU A 883 29.98 -0.26 66.48
N GLY A 884 31.18 -0.02 65.96
CA GLY A 884 31.93 -1.02 65.26
C GLY A 884 31.88 -0.92 63.75
N VAL A 885 30.88 -0.24 63.21
CA VAL A 885 30.72 -0.12 61.77
C VAL A 885 30.80 1.35 61.36
N ASP A 886 31.30 1.59 60.15
CA ASP A 886 31.43 2.93 59.63
C ASP A 886 30.09 3.41 59.08
N CYS A 887 29.79 4.68 59.33
CA CYS A 887 28.53 5.27 58.88
C CYS A 887 28.54 5.59 57.39
N ALA A 888 29.69 5.48 56.72
CA ALA A 888 29.81 5.77 55.31
C ALA A 888 29.73 4.54 54.43
N VAL A 889 29.49 3.36 55.01
CA VAL A 889 29.40 2.14 54.20
C VAL A 889 28.13 2.11 53.36
N PHE A 890 27.10 2.87 53.74
CA PHE A 890 25.84 2.83 53.01
C PHE A 890 25.91 3.53 51.66
N GLU A 891 26.84 4.46 51.48
CA GLU A 891 27.03 5.14 50.21
C GLU A 891 28.09 4.48 49.34
N SER A 892 28.66 3.37 49.78
CA SER A 892 29.73 2.72 49.03
C SER A 892 29.19 2.12 47.74
N PRO A 893 30.02 2.08 46.68
CA PRO A 893 29.56 1.49 45.41
C PRO A 893 29.36 -0.02 45.46
N TYR A 894 29.95 -0.71 46.43
CA TYR A 894 29.90 -2.17 46.45
C TYR A 894 28.49 -2.75 46.49
N PRO A 895 27.56 -2.27 47.33
CA PRO A 895 26.20 -2.83 47.28
C PRO A 895 25.48 -2.52 45.97
N MET A 896 25.70 -1.34 45.40
CA MET A 896 25.03 -1.00 44.14
C MET A 896 25.62 -1.78 42.98
N THR A 897 26.95 -1.89 42.91
CA THR A 897 27.57 -2.68 41.85
C THR A 897 27.30 -4.17 42.00
N MET A 898 26.93 -4.61 43.20
CA MET A 898 26.48 -6.00 43.36
C MET A 898 25.11 -6.21 42.74
N ALA A 899 24.19 -5.28 42.98
CA ALA A 899 22.85 -5.40 42.40
C ALA A 899 22.87 -5.13 40.89
N LEU A 900 23.74 -4.24 40.43
CA LEU A 900 23.79 -3.93 39.01
C LEU A 900 24.27 -5.13 38.20
N SER A 901 25.22 -5.90 38.75
CA SER A 901 25.68 -7.10 38.06
C SER A 901 24.63 -8.20 38.09
N VAL A 902 23.84 -8.28 39.15
CA VAL A 902 22.74 -9.24 39.18
C VAL A 902 21.67 -8.86 38.15
N LEU A 903 21.36 -7.56 38.04
CA LEU A 903 20.36 -7.11 37.08
C LEU A 903 20.81 -7.38 35.65
N VAL A 904 22.09 -7.12 35.35
CA VAL A 904 22.58 -7.31 33.99
C VAL A 904 22.67 -8.79 33.65
N THR A 905 23.16 -9.61 34.59
CA THR A 905 23.30 -11.04 34.33
C THR A 905 21.94 -11.71 34.12
N ILE A 906 20.93 -11.31 34.91
CA ILE A 906 19.59 -11.87 34.72
C ILE A 906 19.03 -11.46 33.37
N GLU A 907 19.27 -10.22 32.95
CA GLU A 907 18.79 -9.78 31.66
C GLU A 907 19.48 -10.52 30.51
N MET A 908 20.71 -10.99 30.72
CA MET A 908 21.33 -11.87 29.74
C MET A 908 20.70 -13.25 29.75
N CYS A 909 20.15 -13.66 30.89
CA CYS A 909 19.45 -14.95 30.98
C CYS A 909 18.07 -14.85 30.34
N ASN A 910 17.30 -13.80 30.68
CA ASN A 910 15.99 -13.62 30.08
C ASN A 910 16.08 -13.40 28.57
N ALA A 911 17.17 -12.79 28.11
CA ALA A 911 17.39 -12.67 26.67
C ALA A 911 17.55 -14.03 26.03
N LEU A 912 18.15 -14.98 26.75
CA LEU A 912 18.31 -16.34 26.21
C LEU A 912 17.03 -17.14 26.28
N ASN A 913 16.18 -16.89 27.29
CA ASN A 913 14.90 -17.57 27.41
C ASN A 913 13.85 -17.03 26.45
N SER A 914 14.14 -15.94 25.74
CA SER A 914 13.20 -15.32 24.83
C SER A 914 13.26 -15.86 23.42
N LEU A 915 14.07 -16.90 23.18
CA LEU A 915 14.14 -17.49 21.84
C LEU A 915 12.79 -18.01 21.38
N SER A 916 12.19 -18.90 22.17
CA SER A 916 10.88 -19.46 21.88
C SER A 916 9.99 -19.36 23.11
N GLU A 917 8.70 -19.13 22.87
CA GLU A 917 7.75 -18.95 23.96
C GLU A 917 7.71 -20.15 24.90
N ASN A 918 7.11 -21.26 24.45
CA ASN A 918 6.91 -22.42 25.30
C ASN A 918 7.96 -23.51 25.12
N GLN A 919 8.86 -23.38 24.16
CA GLN A 919 9.86 -24.41 23.94
C GLN A 919 11.03 -24.26 24.92
N SER A 920 11.68 -25.37 25.23
CA SER A 920 12.80 -25.36 26.15
C SER A 920 14.05 -24.78 25.50
N LEU A 921 15.10 -24.62 26.29
CA LEU A 921 16.38 -24.17 25.76
C LEU A 921 17.26 -25.32 25.26
N LEU A 922 16.97 -26.56 25.66
CA LEU A 922 17.73 -27.69 25.16
C LEU A 922 17.24 -28.14 23.79
N ARG A 923 15.92 -28.20 23.61
CA ARG A 923 15.35 -28.52 22.31
C ARG A 923 15.44 -27.36 21.32
N MET A 924 15.64 -26.14 21.82
CA MET A 924 15.88 -24.95 20.99
C MET A 924 17.21 -24.38 21.45
N PRO A 925 18.33 -24.81 20.85
CA PRO A 925 19.63 -24.43 21.38
C PRO A 925 19.84 -22.93 21.28
N PRO A 926 20.71 -22.37 22.13
CA PRO A 926 20.96 -20.93 22.09
C PRO A 926 21.65 -20.46 20.82
N TRP A 927 22.31 -21.36 20.09
CA TRP A 927 23.02 -20.98 18.88
C TRP A 927 22.13 -20.95 17.64
N GLU A 928 20.83 -21.21 17.79
CA GLU A 928 19.91 -21.06 16.67
C GLU A 928 19.88 -19.61 16.16
N ASN A 929 20.13 -18.65 17.05
CA ASN A 929 20.24 -17.24 16.69
C ASN A 929 21.64 -16.78 17.04
N ILE A 930 22.44 -16.47 16.02
CA ILE A 930 23.82 -16.06 16.27
C ILE A 930 23.89 -14.61 16.76
N TRP A 931 22.99 -13.75 16.28
CA TRP A 931 23.01 -12.36 16.70
C TRP A 931 22.64 -12.20 18.17
N LEU A 932 21.88 -13.15 18.73
CA LEU A 932 21.52 -13.05 20.14
C LEU A 932 22.70 -13.39 21.05
N VAL A 933 23.45 -14.45 20.70
CA VAL A 933 24.64 -14.80 21.47
C VAL A 933 25.67 -13.69 21.39
N GLY A 934 25.82 -13.09 20.21
CA GLY A 934 26.75 -11.98 20.06
C GLY A 934 26.31 -10.73 20.79
N SER A 935 24.99 -10.53 20.94
CA SER A 935 24.49 -9.37 21.66
C SER A 935 24.72 -9.53 23.17
N ILE A 936 24.59 -10.75 23.67
CA ILE A 936 24.84 -11.00 25.09
C ILE A 936 26.31 -10.76 25.42
N CYS A 937 27.21 -11.23 24.55
CA CYS A 937 28.63 -11.04 24.78
C CYS A 937 29.02 -9.57 24.75
N LEU A 938 28.46 -8.82 23.80
CA LEU A 938 28.76 -7.39 23.73
C LEU A 938 28.15 -6.64 24.90
N SER A 939 26.91 -6.96 25.27
CA SER A 939 26.28 -6.30 26.41
C SER A 939 26.98 -6.67 27.72
N MET A 940 27.46 -7.90 27.83
CA MET A 940 28.16 -8.31 29.04
C MET A 940 29.53 -7.67 29.13
N SER A 941 30.23 -7.56 28.00
CA SER A 941 31.54 -6.89 28.00
C SER A 941 31.39 -5.39 28.18
N LEU A 942 30.26 -4.81 27.76
CA LEU A 942 30.02 -3.40 28.03
C LEU A 942 29.78 -3.15 29.51
N HIS A 943 29.32 -4.17 30.23
CA HIS A 943 29.24 -4.07 31.69
C HIS A 943 30.62 -4.04 32.33
N PHE A 944 31.64 -4.57 31.65
CA PHE A 944 33.01 -4.42 32.13
C PHE A 944 33.58 -3.05 31.77
N LEU A 945 33.27 -2.56 30.56
CA LEU A 945 33.80 -1.27 30.14
C LEU A 945 33.25 -0.12 30.96
N ILE A 946 32.04 -0.27 31.50
CA ILE A 946 31.48 0.79 32.35
C ILE A 946 32.21 0.82 33.68
N LEU A 947 32.74 -0.31 34.14
CA LEU A 947 33.49 -0.34 35.39
C LEU A 947 34.91 0.18 35.23
N TYR A 948 35.63 -0.32 34.21
CA TYR A 948 37.08 -0.12 34.16
C TYR A 948 37.47 1.23 33.56
N VAL A 949 36.80 1.68 32.49
CA VAL A 949 37.19 2.93 31.86
C VAL A 949 36.99 4.09 32.83
N GLU A 950 38.05 4.87 33.03
CA GLU A 950 38.22 5.79 34.15
C GLU A 950 37.00 6.68 34.46
N PRO A 951 36.50 7.48 33.53
CA PRO A 951 35.41 8.40 33.90
C PRO A 951 34.07 7.72 34.16
N LEU A 952 33.87 6.49 33.69
CA LEU A 952 32.54 5.88 33.76
C LEU A 952 32.08 5.55 35.18
N PRO A 953 32.84 4.84 36.02
CA PRO A 953 32.30 4.44 37.33
C PRO A 953 32.04 5.60 38.27
N LEU A 954 32.59 6.78 38.02
CA LEU A 954 32.33 7.91 38.91
C LEU A 954 30.90 8.40 38.78
N ILE A 955 30.38 8.49 37.55
CA ILE A 955 29.02 8.94 37.35
C ILE A 955 28.02 7.82 37.68
N PHE A 956 28.37 6.58 37.36
CA PHE A 956 27.49 5.45 37.62
C PHE A 956 27.61 4.92 39.04
N GLN A 957 28.66 5.29 39.78
CA GLN A 957 28.85 4.90 41.18
C GLN A 957 28.90 3.38 41.33
N ILE A 958 29.94 2.80 40.73
CA ILE A 958 30.15 1.35 40.73
C ILE A 958 31.64 1.06 40.79
N THR A 959 31.98 -0.15 41.22
CA THR A 959 33.34 -0.64 41.31
C THR A 959 33.37 -2.09 40.91
N PRO A 960 34.53 -2.61 40.49
CA PRO A 960 34.61 -4.03 40.13
C PRO A 960 34.37 -4.93 41.33
N LEU A 961 33.84 -6.13 41.05
CA LEU A 961 33.47 -7.10 42.07
C LEU A 961 34.58 -8.08 42.40
N ASN A 962 35.77 -7.89 41.83
CA ASN A 962 36.94 -8.77 41.99
C ASN A 962 36.56 -10.19 41.57
N LEU A 963 37.12 -11.21 42.24
CA LEU A 963 36.90 -12.60 41.89
C LEU A 963 35.65 -13.21 42.57
N THR A 964 35.49 -12.96 43.86
CA THR A 964 34.53 -13.74 44.65
C THR A 964 33.10 -13.24 44.48
N GLN A 965 32.92 -11.91 44.44
CA GLN A 965 31.57 -11.37 44.37
C GLN A 965 30.88 -11.72 43.06
N TRP A 966 31.64 -11.99 41.99
CA TRP A 966 31.04 -12.44 40.75
C TRP A 966 30.48 -13.85 40.87
N LEU A 967 31.11 -14.70 41.67
CA LEU A 967 30.58 -16.04 41.88
C LEU A 967 29.25 -16.00 42.63
N MET A 968 29.04 -14.98 43.45
CA MET A 968 27.77 -14.84 44.15
C MET A 968 26.67 -14.38 43.20
N VAL A 969 27.00 -13.46 42.28
CA VAL A 969 26.01 -12.97 41.34
C VAL A 969 25.73 -13.97 40.22
N LEU A 970 26.67 -14.86 39.91
CA LEU A 970 26.45 -15.87 38.88
C LEU A 970 25.59 -17.02 39.40
N LYS A 971 25.78 -17.39 40.67
CA LYS A 971 24.96 -18.47 41.24
C LYS A 971 23.57 -17.99 41.64
N ILE A 972 23.42 -16.69 41.93
CA ILE A 972 22.10 -16.17 42.25
C ILE A 972 21.28 -15.87 41.00
N SER A 973 21.94 -15.44 39.91
CA SER A 973 21.24 -15.07 38.69
C SER A 973 20.86 -16.28 37.84
N LEU A 974 21.70 -17.31 37.82
CA LEU A 974 21.45 -18.47 36.96
C LEU A 974 20.12 -19.17 37.18
N PRO A 975 19.58 -19.29 38.41
CA PRO A 975 18.28 -19.95 38.57
C PRO A 975 17.13 -19.31 37.78
N VAL A 976 17.31 -18.08 37.29
CA VAL A 976 16.28 -17.48 36.43
C VAL A 976 16.00 -18.38 35.23
N ILE A 977 17.04 -18.95 34.63
CA ILE A 977 16.86 -19.87 33.51
C ILE A 977 16.14 -21.13 33.98
N LEU A 978 16.50 -21.65 35.15
CA LEU A 978 15.84 -22.85 35.67
C LEU A 978 14.41 -22.56 36.07
N MET A 979 14.16 -21.37 36.65
CA MET A 979 12.81 -21.03 37.08
C MET A 979 11.88 -20.83 35.88
N ASP A 980 12.34 -20.12 34.85
CA ASP A 980 11.52 -19.90 33.68
C ASP A 980 11.27 -21.21 32.93
N GLU A 981 12.28 -22.09 32.89
CA GLU A 981 12.12 -23.36 32.19
C GLU A 981 11.00 -24.20 32.81
N THR A 982 10.85 -24.14 34.14
CA THR A 982 9.77 -24.86 34.79
C THR A 982 8.41 -24.28 34.39
N LEU A 983 8.32 -22.96 34.30
CA LEU A 983 7.07 -22.34 33.87
C LEU A 983 6.77 -22.62 32.40
N LYS A 984 7.79 -22.88 31.59
CA LYS A 984 7.56 -23.28 30.21
C LYS A 984 7.18 -24.75 30.10
N PHE A 985 7.67 -25.60 31.01
CA PHE A 985 7.39 -27.02 30.94
C PHE A 985 5.91 -27.30 31.22
N VAL A 986 5.37 -26.71 32.29
CA VAL A 986 3.98 -26.97 32.65
C VAL A 986 3.03 -26.36 31.62
N ALA A 987 3.41 -25.25 30.99
CA ALA A 987 2.58 -24.69 29.94
C ALA A 987 2.64 -25.54 28.67
N ARG A 988 3.82 -26.06 28.34
CA ARG A 988 3.98 -26.85 27.13
C ARG A 988 3.35 -28.23 27.27
N ASN A 989 3.70 -28.96 28.33
CA ASN A 989 3.31 -30.35 28.47
C ASN A 989 2.01 -30.55 29.24
N TYR A 990 1.47 -29.51 29.87
CA TYR A 990 0.28 -29.69 30.70
C TYR A 990 -0.83 -28.69 30.40
N LEU A 991 -0.56 -27.40 30.63
CA LEU A 991 -1.59 -26.37 30.50
C LEU A 991 -2.33 -26.46 29.17
N GLU A 992 -1.60 -26.65 28.08
CA GLU A 992 -2.22 -26.75 26.76
C GLU A 992 -1.28 -27.45 25.78
F1 MGF B . -7.60 0.31 -13.19
MG MGF B . -9.16 -0.34 -12.56
F2 MGF B . -10.06 0.60 -11.33
F3 MGF B . -9.55 -2.06 -12.84
O2 CZA C . 6.51 7.95 22.37
C6 CZA C . 7.47 7.96 23.14
C3 CZA C . 8.48 9.00 23.35
C2 CZA C . 8.53 10.22 22.52
O1 CZA C . 8.06 10.27 21.38
C1 CZA C . 8.99 11.54 23.17
C5 CZA C . 7.88 6.81 24.04
C7 CZA C . 6.95 6.40 25.18
C15 CZA C . 5.77 5.52 24.91
C16 CZA C . 4.52 5.74 24.47
N2 CZA C . 3.85 4.52 24.43
C17 CZA C . 4.66 3.47 24.85
C14 CZA C . 5.88 4.12 25.15
C18 CZA C . 4.54 2.08 25.01
C19 CZA C . 5.65 1.35 25.48
C20 CZA C . 6.87 2.02 25.78
C13 CZA C . 6.98 3.40 25.61
C12 CZA C . 8.25 4.17 25.93
C8 CZA C . 8.01 5.73 26.13
C9 CZA C . 9.25 6.66 26.05
C10 CZA C . 9.39 7.52 27.31
C11 CZA C . 10.56 5.92 25.82
N1 CZA C . 8.94 7.40 24.82
C4 CZA C . 9.31 8.61 24.35
O3 CZA C . 10.38 9.32 24.84
MG MG D . 6.52 8.78 20.53
MG MG E . -5.88 0.28 -13.02
K K F . -3.53 4.65 3.63
#